data_7OMU
#
_entry.id   7OMU
#
_cell.length_a   187.458
_cell.length_b   187.458
_cell.length_c   187.458
_cell.angle_alpha   90.000
_cell.angle_beta   90.000
_cell.angle_gamma   90.000
#
_symmetry.space_group_name_H-M   'I 2 3'
#
loop_
_entity.id
_entity.type
_entity.pdbx_description
1 polymer 'Macro domain-containing protein'
2 non-polymer ADENOSINE-5-DIPHOSPHORIBOSE
#
_entity_poly.entity_id   1
_entity_poly.type   'polypeptide(L)'
_entity_poly.pdbx_seq_one_letter_code
;GHSGKPIPNPLLGLDSTHMFPRFRELYYITHIDNVPSILEKGILSHAEIERQSINCKKVYDNSIVLKRKSRLLADNRSLW
EFANLYFQPRNPMLYRLLVQGLKPKDLAIVAVKWTIMKRDDILITDGNAASSETQIYRKSEIKNIKNIISVKDMEYWREE
DGSKRKIMAACLVPQCVDPRYISAIYVSDHEVASNLKKAINNRNIPVIPDPTFFFLPNREIKLTQNLSLVEGDMFFSRMQ
TLTVSVNTVGVMGKGLASRVKYQFPDVYVVFQDACKKKELEFGKPYLYKRESSLDAFLAEDGEKLSDLNHQTWFLLFPTK
RHWKNMSEIKGIESGLRWIVENYKKEGIKSLAVPALGCGLGGLEWSIVGPLMCRYLTKLEIPVQIYLPLEKRIPDVQLSP
KFLLDS
;
_entity_poly.pdbx_strand_id   AAA,BBB
#
# COMPACT_ATOMS: atom_id res chain seq x y z
N PHE A 23 12.85 -19.14 26.43
CA PHE A 23 13.80 -19.17 25.28
C PHE A 23 14.12 -17.73 24.84
N ARG A 24 15.27 -17.54 24.17
CA ARG A 24 15.53 -16.40 23.25
C ARG A 24 16.92 -16.53 22.60
N GLU A 25 16.98 -16.20 21.30
CA GLU A 25 18.20 -15.94 20.50
C GLU A 25 18.01 -14.62 19.75
N LEU A 26 19.10 -14.01 19.28
CA LEU A 26 19.07 -12.89 18.30
C LEU A 26 19.59 -13.44 16.96
N TYR A 27 19.29 -12.76 15.86
CA TYR A 27 19.40 -13.32 14.48
C TYR A 27 20.01 -12.29 13.54
N TYR A 28 21.05 -12.69 12.81
CA TYR A 28 21.72 -11.89 11.75
C TYR A 28 21.52 -12.61 10.41
N ILE A 29 20.82 -11.97 9.47
CA ILE A 29 20.60 -12.47 8.08
C ILE A 29 21.86 -12.18 7.27
N THR A 30 22.34 -13.15 6.49
CA THR A 30 23.52 -12.99 5.59
C THR A 30 23.47 -14.01 4.44
N HIS A 31 24.28 -13.76 3.41
CA HIS A 31 24.54 -14.74 2.32
C HIS A 31 25.32 -15.91 2.92
N ILE A 32 25.01 -17.14 2.49
CA ILE A 32 25.57 -18.37 3.10
C ILE A 32 27.07 -18.48 2.76
N ASP A 33 27.53 -17.75 1.73
CA ASP A 33 28.96 -17.67 1.35
C ASP A 33 29.77 -17.01 2.47
N ASN A 34 29.15 -16.14 3.27
CA ASN A 34 29.82 -15.33 4.32
C ASN A 34 29.97 -16.10 5.64
N VAL A 35 29.35 -17.28 5.79
CA VAL A 35 29.19 -17.96 7.11
C VAL A 35 30.57 -18.33 7.67
N PRO A 36 31.49 -18.94 6.88
CA PRO A 36 32.85 -19.22 7.36
C PRO A 36 33.59 -17.96 7.82
N SER A 37 33.56 -16.88 7.02
CA SER A 37 34.12 -15.54 7.33
C SER A 37 33.63 -15.07 8.71
N ILE A 38 32.32 -15.20 8.96
CA ILE A 38 31.64 -14.72 10.20
C ILE A 38 32.08 -15.60 11.38
N LEU A 39 32.16 -16.92 11.20
CA LEU A 39 32.55 -17.86 12.28
C LEU A 39 34.00 -17.61 12.69
N GLU A 40 34.81 -17.06 11.78
CA GLU A 40 36.25 -16.75 11.99
C GLU A 40 36.39 -15.32 12.52
N LYS A 41 36.04 -14.32 11.70
CA LYS A 41 36.22 -12.86 11.98
C LYS A 41 35.18 -12.37 12.99
N GLY A 42 33.92 -12.80 12.86
CA GLY A 42 32.77 -12.34 13.66
C GLY A 42 31.73 -11.64 12.80
N ILE A 43 30.60 -11.25 13.39
CA ILE A 43 29.57 -10.41 12.72
C ILE A 43 30.08 -8.96 12.78
N LEU A 44 30.46 -8.39 11.64
CA LEU A 44 31.09 -7.05 11.54
C LEU A 44 30.04 -6.03 11.10
N SER A 45 30.15 -4.79 11.59
CA SER A 45 29.38 -3.62 11.11
C SER A 45 29.80 -3.31 9.67
N HIS A 46 28.91 -2.67 8.88
CA HIS A 46 29.17 -2.31 7.47
C HIS A 46 30.28 -1.26 7.41
N ALA A 47 30.52 -0.56 8.53
CA ALA A 47 31.68 0.35 8.76
C ALA A 47 32.96 -0.45 8.97
N GLU A 48 32.90 -1.52 9.78
CA GLU A 48 34.05 -2.39 10.11
C GLU A 48 34.50 -3.16 8.85
N ILE A 49 33.58 -3.46 7.94
CA ILE A 49 33.89 -4.14 6.65
C ILE A 49 34.71 -3.20 5.77
N GLU A 50 34.34 -1.91 5.71
CA GLU A 50 35.07 -0.86 4.95
C GLU A 50 36.45 -0.62 5.59
N ARG A 51 36.49 -0.43 6.91
CA ARG A 51 37.74 -0.17 7.66
C ARG A 51 38.77 -1.29 7.37
N GLN A 52 38.31 -2.55 7.42
CA GLN A 52 39.16 -3.75 7.39
C GLN A 52 39.37 -4.22 5.93
N SER A 53 38.81 -3.48 4.96
CA SER A 53 38.94 -3.69 3.49
C SER A 53 38.54 -5.13 3.12
N ILE A 54 37.54 -5.69 3.81
CA ILE A 54 37.05 -7.09 3.60
C ILE A 54 36.13 -7.09 2.36
N ASN A 55 36.12 -8.19 1.60
CA ASN A 55 35.18 -8.40 0.47
C ASN A 55 34.10 -9.41 0.93
N CYS A 56 33.31 -9.00 1.93
CA CYS A 56 32.07 -9.71 2.40
C CYS A 56 30.99 -9.59 1.31
N LYS A 57 30.94 -10.57 0.39
CA LYS A 57 30.13 -10.56 -0.86
C LYS A 57 28.66 -10.86 -0.55
N LYS A 58 27.88 -9.83 -0.19
CA LYS A 58 26.49 -9.92 0.32
C LYS A 58 25.54 -9.18 -0.63
N VAL A 59 24.22 -9.34 -0.43
CA VAL A 59 23.13 -8.74 -1.27
C VAL A 59 22.20 -7.92 -0.35
N TYR A 60 22.45 -6.62 -0.29
CA TYR A 60 21.52 -5.57 0.22
C TYR A 60 21.46 -4.45 -0.83
N ASP A 61 20.27 -4.16 -1.38
CA ASP A 61 20.09 -3.12 -2.43
C ASP A 61 20.70 -1.80 -1.94
N ASN A 62 21.42 -1.09 -2.83
CA ASN A 62 22.15 0.18 -2.54
C ASN A 62 21.20 1.18 -1.87
N SER A 63 19.93 1.22 -2.30
CA SER A 63 18.85 2.04 -1.72
C SER A 63 18.81 1.87 -0.20
N ILE A 64 18.93 0.63 0.29
CA ILE A 64 18.93 0.29 1.74
C ILE A 64 20.28 0.70 2.37
N VAL A 65 21.40 0.40 1.71
CA VAL A 65 22.78 0.69 2.21
C VAL A 65 22.89 2.19 2.46
N LEU A 66 22.50 3.02 1.48
CA LEU A 66 22.64 4.50 1.52
C LEU A 66 21.63 5.11 2.50
N LYS A 67 20.58 4.37 2.88
CA LYS A 67 19.61 4.78 3.93
C LYS A 67 20.20 4.53 5.33
N ARG A 68 20.83 3.36 5.52
CA ARG A 68 21.39 2.90 6.83
C ARG A 68 22.60 3.77 7.20
N LYS A 69 23.45 4.08 6.22
CA LYS A 69 24.65 4.94 6.42
C LYS A 69 24.20 6.36 6.83
N SER A 70 23.23 6.91 6.12
CA SER A 70 22.75 8.31 6.23
C SER A 70 22.03 8.57 7.56
N ARG A 71 21.65 7.51 8.29
CA ARG A 71 21.07 7.59 9.65
C ARG A 71 22.20 7.80 10.67
N LEU A 72 22.18 8.91 11.41
CA LEU A 72 23.12 9.20 12.53
C LEU A 72 22.41 8.96 13.87
N LEU A 73 23.18 8.80 14.95
CA LEU A 73 22.71 8.46 16.32
C LEU A 73 23.33 9.42 17.34
N ALA A 74 22.97 9.28 18.62
CA ALA A 74 23.59 9.98 19.77
C ALA A 74 25.06 9.54 19.92
N ASP A 75 25.92 10.43 20.44
CA ASP A 75 27.33 10.18 20.81
C ASP A 75 28.19 9.99 19.55
N ASN A 76 28.07 10.91 18.58
CA ASN A 76 28.96 11.00 17.38
C ASN A 76 29.07 9.62 16.73
N ARG A 77 27.94 9.01 16.43
CA ARG A 77 27.87 7.60 16.00
C ARG A 77 26.82 7.45 14.89
N SER A 78 27.12 6.64 13.88
CA SER A 78 26.21 6.29 12.76
C SER A 78 25.65 4.89 12.99
N LEU A 79 24.56 4.54 12.31
CA LEU A 79 23.90 3.22 12.40
C LEU A 79 24.80 2.16 11.74
N TRP A 80 25.56 2.53 10.71
CA TRP A 80 26.40 1.57 9.94
C TRP A 80 27.64 1.16 10.74
N GLU A 81 27.88 1.79 11.90
CA GLU A 81 28.97 1.44 12.85
C GLU A 81 28.57 0.23 13.69
N PHE A 82 27.27 -0.11 13.73
CA PHE A 82 26.69 -1.22 14.52
C PHE A 82 26.36 -2.41 13.63
N ALA A 83 26.17 -3.58 14.25
CA ALA A 83 25.74 -4.85 13.61
C ALA A 83 24.28 -5.10 14.00
N ASN A 84 23.41 -5.31 13.02
CA ASN A 84 21.93 -5.36 13.19
C ASN A 84 21.50 -6.80 13.50
N LEU A 85 21.21 -7.09 14.76
CA LEU A 85 20.71 -8.41 15.25
C LEU A 85 19.20 -8.29 15.49
N TYR A 86 18.39 -8.86 14.59
CA TYR A 86 16.90 -8.82 14.66
C TYR A 86 16.40 -9.74 15.78
N PHE A 87 15.31 -9.35 16.45
CA PHE A 87 14.55 -10.22 17.39
C PHE A 87 13.71 -11.21 16.59
N GLN A 88 13.25 -10.76 15.41
CA GLN A 88 12.45 -11.56 14.46
C GLN A 88 13.08 -11.45 13.08
N PRO A 89 13.76 -12.51 12.59
CA PRO A 89 14.35 -12.49 11.25
C PRO A 89 13.34 -12.77 10.12
N ARG A 90 12.24 -13.46 10.41
CA ARG A 90 11.15 -13.73 9.44
C ARG A 90 10.32 -12.45 9.28
N ASN A 91 10.88 -11.48 8.53
CA ASN A 91 10.45 -10.06 8.53
C ASN A 91 10.57 -9.48 7.12
N PRO A 92 10.04 -8.26 6.85
CA PRO A 92 10.13 -7.62 5.53
C PRO A 92 11.49 -7.62 4.82
N MET A 93 12.60 -7.55 5.57
CA MET A 93 13.97 -7.51 5.00
C MET A 93 14.25 -8.86 4.35
N LEU A 94 14.10 -9.96 5.10
CA LEU A 94 14.30 -11.34 4.59
C LEU A 94 13.38 -11.57 3.38
N TYR A 95 12.14 -11.12 3.48
CA TYR A 95 11.15 -11.22 2.38
C TYR A 95 11.63 -10.42 1.16
N ARG A 96 12.16 -9.22 1.39
CA ARG A 96 12.68 -8.33 0.30
C ARG A 96 13.80 -9.07 -0.44
N LEU A 97 14.71 -9.71 0.29
CA LEU A 97 15.88 -10.42 -0.30
C LEU A 97 15.39 -11.56 -1.19
N LEU A 98 14.34 -12.28 -0.77
CA LEU A 98 13.86 -13.50 -1.47
C LEU A 98 13.12 -13.11 -2.76
N VAL A 99 12.42 -11.98 -2.78
CA VAL A 99 11.65 -11.54 -3.99
C VAL A 99 12.59 -10.79 -4.95
N GLN A 100 13.67 -10.19 -4.44
CA GLN A 100 14.74 -9.56 -5.26
C GLN A 100 15.63 -10.63 -5.92
N GLY A 101 15.15 -11.87 -6.05
CA GLY A 101 15.79 -12.92 -6.88
C GLY A 101 16.61 -13.90 -6.06
N LEU A 102 17.12 -13.51 -4.89
CA LEU A 102 17.89 -14.39 -3.98
C LEU A 102 16.99 -15.54 -3.54
N LYS A 103 17.54 -16.75 -3.35
CA LYS A 103 16.78 -17.97 -2.98
C LYS A 103 17.08 -18.36 -1.54
N PRO A 104 16.24 -19.21 -0.90
CA PRO A 104 16.51 -19.68 0.46
C PRO A 104 17.86 -20.41 0.65
N LYS A 105 18.32 -21.12 -0.38
CA LYS A 105 19.61 -21.87 -0.36
C LYS A 105 20.79 -20.88 -0.36
N ASP A 106 20.59 -19.63 -0.82
CA ASP A 106 21.63 -18.57 -0.88
C ASP A 106 21.77 -17.88 0.48
N LEU A 107 20.85 -18.12 1.41
CA LEU A 107 20.74 -17.33 2.66
C LEU A 107 20.98 -18.21 3.89
N ALA A 108 21.48 -17.57 4.95
CA ALA A 108 21.70 -18.17 6.28
C ALA A 108 21.35 -17.13 7.34
N ILE A 109 20.62 -17.55 8.38
CA ILE A 109 20.32 -16.72 9.58
C ILE A 109 21.25 -17.21 10.70
N VAL A 110 22.16 -16.34 11.14
CA VAL A 110 23.16 -16.65 12.20
C VAL A 110 22.53 -16.29 13.54
N ALA A 111 22.38 -17.29 14.42
CA ALA A 111 21.80 -17.13 15.78
C ALA A 111 22.89 -16.62 16.72
N VAL A 112 22.57 -15.60 17.52
CA VAL A 112 23.46 -14.99 18.55
C VAL A 112 22.76 -15.17 19.90
N LYS A 113 23.50 -15.57 20.94
CA LYS A 113 22.92 -15.91 22.28
C LYS A 113 22.29 -14.67 22.92
N TRP A 114 21.21 -14.86 23.67
CA TRP A 114 20.55 -13.85 24.54
C TRP A 114 21.63 -13.06 25.29
N THR A 115 22.71 -13.74 25.66
CA THR A 115 23.76 -13.30 26.60
C THR A 115 24.43 -12.01 26.10
N ILE A 116 24.35 -11.69 24.81
CA ILE A 116 24.97 -10.46 24.23
C ILE A 116 24.22 -9.22 24.73
N MET A 117 22.98 -9.38 25.21
CA MET A 117 22.14 -8.28 25.73
C MET A 117 22.70 -7.78 27.07
N LYS A 118 23.52 -8.59 27.75
CA LYS A 118 24.16 -8.25 29.05
C LYS A 118 25.16 -7.09 28.85
N ARG A 119 25.80 -7.01 27.67
CA ARG A 119 26.70 -5.89 27.30
C ARG A 119 25.97 -4.57 27.57
N ASP A 120 26.70 -3.54 28.00
CA ASP A 120 26.13 -2.23 28.44
C ASP A 120 26.51 -1.13 27.45
N ASP A 121 27.04 -1.50 26.27
CA ASP A 121 27.41 -0.54 25.18
C ASP A 121 26.53 -0.80 23.95
N ILE A 122 25.49 -1.62 24.09
CA ILE A 122 24.54 -1.99 23.00
C ILE A 122 23.40 -0.99 22.98
N LEU A 123 22.63 -1.01 21.89
CA LEU A 123 21.39 -0.22 21.71
C LEU A 123 20.27 -1.17 21.28
N ILE A 124 19.03 -0.78 21.57
CA ILE A 124 17.79 -1.56 21.26
C ILE A 124 16.80 -0.63 20.58
N THR A 125 16.36 -0.99 19.37
CA THR A 125 15.40 -0.24 18.54
C THR A 125 13.99 -0.81 18.80
N ASP A 126 12.96 0.04 18.69
CA ASP A 126 11.53 -0.38 18.83
C ASP A 126 11.00 -0.77 17.45
N GLY A 127 11.85 -0.77 16.43
CA GLY A 127 11.52 -1.14 15.05
C GLY A 127 12.71 -1.02 14.11
N ASN A 128 12.45 -0.92 12.80
CA ASN A 128 13.46 -0.76 11.74
C ASN A 128 14.39 0.40 12.10
N ALA A 129 15.66 0.10 12.38
CA ALA A 129 16.70 1.07 12.82
C ALA A 129 16.77 2.25 11.85
N ALA A 130 16.60 2.01 10.55
CA ALA A 130 16.71 3.03 9.46
C ALA A 130 15.58 4.06 9.56
N SER A 131 14.32 3.60 9.65
CA SER A 131 13.09 4.43 9.67
C SER A 131 13.20 5.56 10.71
N SER A 132 12.76 6.77 10.34
CA SER A 132 12.71 7.99 11.20
C SER A 132 11.81 7.72 12.42
N GLU A 133 10.63 7.15 12.17
CA GLU A 133 9.58 6.89 13.18
C GLU A 133 10.15 6.00 14.31
N THR A 134 11.12 5.13 14.00
CA THR A 134 11.75 4.18 14.97
C THR A 134 12.58 4.97 16.00
N GLN A 135 12.59 4.49 17.25
CA GLN A 135 13.33 5.06 18.39
C GLN A 135 14.37 4.06 18.89
N ILE A 136 15.65 4.46 18.86
CA ILE A 136 16.79 3.67 19.42
C ILE A 136 17.05 4.16 20.85
N TYR A 137 17.07 3.23 21.80
CA TYR A 137 17.37 3.48 23.23
C TYR A 137 18.64 2.72 23.59
N ARG A 138 19.46 3.27 24.49
CA ARG A 138 20.59 2.55 25.13
C ARG A 138 20.03 1.73 26.31
N LYS A 139 20.77 0.73 26.76
CA LYS A 139 20.28 -0.30 27.72
C LYS A 139 19.66 0.39 28.94
N SER A 140 20.37 1.36 29.54
CA SER A 140 19.99 2.08 30.78
C SER A 140 18.58 2.68 30.67
N GLU A 141 18.23 3.29 29.53
CA GLU A 141 17.00 4.12 29.35
C GLU A 141 15.92 3.36 28.57
N ILE A 142 16.04 2.03 28.39
CA ILE A 142 15.04 1.20 27.66
C ILE A 142 13.81 1.01 28.56
N LYS A 143 12.60 1.08 27.97
CA LYS A 143 11.30 0.90 28.67
C LYS A 143 10.36 0.09 27.77
N ASN A 144 9.67 -0.89 28.37
CA ASN A 144 8.74 -1.83 27.68
C ASN A 144 9.54 -2.75 26.75
N ILE A 145 10.56 -3.43 27.28
CA ILE A 145 11.42 -4.37 26.50
C ILE A 145 10.58 -5.61 26.16
N LYS A 146 9.75 -6.08 27.08
CA LYS A 146 8.85 -7.26 26.87
C LYS A 146 7.92 -6.97 25.69
N ASN A 147 7.65 -5.67 25.45
CA ASN A 147 6.83 -5.17 24.32
C ASN A 147 7.63 -5.26 23.02
N ILE A 148 8.90 -4.83 23.04
CA ILE A 148 9.80 -4.89 21.85
C ILE A 148 10.03 -6.35 21.46
N ILE A 149 10.45 -7.19 22.39
CA ILE A 149 10.94 -8.57 22.09
C ILE A 149 9.78 -9.49 21.70
N SER A 150 8.53 -9.06 21.89
CA SER A 150 7.31 -9.83 21.56
C SER A 150 7.16 -9.99 20.03
N VAL A 151 7.79 -9.12 19.24
CA VAL A 151 7.75 -9.15 17.74
C VAL A 151 8.23 -10.52 17.24
N LYS A 152 8.88 -11.31 18.11
CA LYS A 152 9.29 -12.71 17.80
C LYS A 152 8.04 -13.57 17.58
N ASP A 153 6.88 -13.16 18.09
CA ASP A 153 5.59 -13.92 18.00
C ASP A 153 4.71 -13.35 16.88
N MET A 154 5.14 -12.31 16.17
CA MET A 154 4.44 -11.74 14.99
C MET A 154 4.66 -12.65 13.78
N GLU A 155 3.59 -13.13 13.15
CA GLU A 155 3.65 -14.07 11.98
C GLU A 155 3.33 -13.31 10.69
N TYR A 156 2.79 -12.09 10.79
CA TYR A 156 2.52 -11.19 9.65
C TYR A 156 2.58 -9.72 10.12
N TRP A 157 2.55 -8.79 9.17
CA TRP A 157 2.69 -7.34 9.44
C TRP A 157 1.90 -6.53 8.42
N ARG A 158 1.80 -5.22 8.64
CA ARG A 158 1.14 -4.23 7.75
C ARG A 158 1.63 -2.82 8.11
N GLU A 159 1.61 -1.90 7.14
CA GLU A 159 2.21 -0.53 7.29
C GLU A 159 1.37 0.30 8.27
N GLU A 160 0.04 0.14 8.23
CA GLU A 160 -0.95 1.04 8.87
C GLU A 160 -0.75 1.09 10.39
N ASP A 161 -0.63 -0.06 11.06
CA ASP A 161 -0.49 -0.16 12.55
C ASP A 161 0.99 -0.13 12.93
N GLY A 162 1.88 0.04 11.95
CA GLY A 162 3.34 0.22 12.16
C GLY A 162 4.04 -1.11 12.39
N SER A 163 3.32 -2.23 12.38
CA SER A 163 3.86 -3.58 12.65
C SER A 163 4.97 -3.91 11.64
N LYS A 164 4.86 -3.41 10.40
CA LYS A 164 5.90 -3.61 9.35
C LYS A 164 7.21 -2.95 9.77
N ARG A 165 7.13 -1.85 10.53
CA ARG A 165 8.32 -1.20 11.14
C ARG A 165 8.75 -2.02 12.36
N LYS A 166 7.83 -2.22 13.31
CA LYS A 166 8.09 -2.79 14.67
C LYS A 166 8.74 -4.17 14.59
N ILE A 167 8.37 -5.02 13.61
CA ILE A 167 8.80 -6.44 13.54
C ILE A 167 10.31 -6.53 13.26
N MET A 168 10.89 -5.48 12.68
CA MET A 168 12.35 -5.39 12.41
C MET A 168 13.04 -4.65 13.56
N ALA A 169 12.42 -4.62 14.74
CA ALA A 169 13.09 -4.25 16.01
C ALA A 169 14.35 -5.11 16.12
N ALA A 170 15.42 -4.53 16.66
CA ALA A 170 16.78 -5.12 16.64
C ALA A 170 17.59 -4.64 17.84
N CYS A 171 18.63 -5.42 18.16
CA CYS A 171 19.71 -5.09 19.12
C CYS A 171 20.94 -4.69 18.31
N LEU A 172 21.37 -3.43 18.41
CA LEU A 172 22.55 -2.88 17.68
C LEU A 172 23.80 -3.02 18.53
N VAL A 173 24.74 -3.88 18.11
CA VAL A 173 26.04 -4.15 18.78
C VAL A 173 27.12 -3.42 18.01
N PRO A 174 27.93 -2.55 18.66
CA PRO A 174 28.92 -1.74 17.95
C PRO A 174 30.11 -2.55 17.44
N GLN A 175 30.63 -2.14 16.27
CA GLN A 175 31.88 -2.63 15.62
C GLN A 175 31.70 -4.09 15.17
N CYS A 176 31.78 -5.06 16.08
CA CYS A 176 31.72 -6.51 15.75
C CYS A 176 30.97 -7.29 16.84
N VAL A 177 30.60 -8.53 16.52
CA VAL A 177 30.05 -9.54 17.46
C VAL A 177 31.04 -10.72 17.49
N ASP A 178 31.64 -10.97 18.65
CA ASP A 178 32.62 -12.07 18.87
C ASP A 178 31.96 -13.39 18.48
N PRO A 179 32.59 -14.21 17.61
CA PRO A 179 32.03 -15.52 17.22
C PRO A 179 31.61 -16.45 18.36
N ARG A 180 32.13 -16.25 19.58
CA ARG A 180 31.78 -17.08 20.77
C ARG A 180 30.35 -16.79 21.24
N TYR A 181 29.71 -15.73 20.73
CA TYR A 181 28.29 -15.40 21.00
C TYR A 181 27.35 -16.15 20.05
N ILE A 182 27.87 -16.83 19.02
CA ILE A 182 27.04 -17.51 17.97
C ILE A 182 26.56 -18.88 18.49
N SER A 183 25.23 -19.07 18.55
CA SER A 183 24.53 -20.29 19.02
C SER A 183 24.55 -21.36 17.93
N ALA A 184 24.11 -20.98 16.73
CA ALA A 184 23.81 -21.91 15.62
C ALA A 184 23.63 -21.09 14.34
N ILE A 185 23.48 -21.79 13.20
CA ILE A 185 23.17 -21.18 11.89
C ILE A 185 21.93 -21.88 11.33
N TYR A 186 20.88 -21.12 11.06
CA TYR A 186 19.60 -21.62 10.48
C TYR A 186 19.71 -21.53 8.96
N VAL A 187 19.10 -22.49 8.29
CA VAL A 187 19.32 -22.80 6.85
C VAL A 187 18.03 -23.40 6.28
N SER A 188 17.77 -23.22 4.99
CA SER A 188 16.47 -23.49 4.33
C SER A 188 16.15 -24.98 4.23
N ASP A 189 17.13 -25.85 3.94
CA ASP A 189 16.87 -27.31 3.75
C ASP A 189 18.10 -28.16 4.09
N HIS A 190 17.90 -29.48 4.16
CA HIS A 190 18.89 -30.50 4.57
C HIS A 190 20.15 -30.43 3.69
N GLU A 191 19.99 -30.21 2.37
CA GLU A 191 21.10 -30.23 1.38
C GLU A 191 22.04 -29.04 1.64
N VAL A 192 21.48 -27.88 1.97
CA VAL A 192 22.24 -26.63 2.26
C VAL A 192 22.98 -26.81 3.59
N ALA A 193 22.43 -27.62 4.50
CA ALA A 193 22.98 -27.89 5.85
C ALA A 193 24.24 -28.75 5.75
N SER A 194 24.21 -29.83 4.96
CA SER A 194 25.34 -30.78 4.76
C SER A 194 26.57 -30.04 4.22
N ASN A 195 26.35 -29.19 3.22
CA ASN A 195 27.41 -28.43 2.52
C ASN A 195 28.03 -27.42 3.49
N LEU A 196 27.21 -26.77 4.30
CA LEU A 196 27.68 -25.79 5.31
C LEU A 196 28.37 -26.52 6.46
N LYS A 197 27.84 -27.68 6.88
CA LYS A 197 28.43 -28.49 7.99
C LYS A 197 29.89 -28.78 7.66
N LYS A 198 30.17 -29.21 6.43
CA LYS A 198 31.53 -29.52 5.91
C LYS A 198 32.35 -28.23 5.81
N ALA A 199 31.77 -27.18 5.21
CA ALA A 199 32.46 -25.92 4.82
C ALA A 199 32.94 -25.13 6.06
N ILE A 200 32.35 -25.35 7.24
CA ILE A 200 32.72 -24.62 8.50
C ILE A 200 33.54 -25.54 9.40
N ASN A 201 33.31 -26.86 9.31
CA ASN A 201 34.17 -27.90 9.93
C ASN A 201 34.25 -27.66 11.45
N ASN A 202 33.10 -27.55 12.11
CA ASN A 202 32.99 -27.30 13.58
C ASN A 202 31.68 -27.88 14.12
N ARG A 203 31.71 -29.16 14.52
CA ARG A 203 30.55 -29.88 15.12
C ARG A 203 29.93 -29.03 16.24
N ASN A 204 30.75 -28.26 16.95
CA ASN A 204 30.37 -27.50 18.17
C ASN A 204 29.35 -26.40 17.85
N ILE A 205 29.19 -25.99 16.59
CA ILE A 205 28.20 -24.96 16.15
C ILE A 205 27.14 -25.65 15.29
N PRO A 206 25.92 -25.88 15.83
CA PRO A 206 24.86 -26.58 15.10
C PRO A 206 24.44 -25.85 13.82
N VAL A 207 24.25 -26.60 12.73
CA VAL A 207 23.56 -26.12 11.50
C VAL A 207 22.18 -26.77 11.48
N ILE A 208 21.13 -25.97 11.69
CA ILE A 208 19.72 -26.40 11.83
C ILE A 208 18.98 -26.05 10.54
N PRO A 209 18.38 -27.04 9.84
CA PRO A 209 17.51 -26.75 8.71
C PRO A 209 16.10 -26.43 9.24
N ASP A 210 15.53 -25.29 8.85
CA ASP A 210 14.17 -24.87 9.26
C ASP A 210 13.56 -23.97 8.17
N PRO A 211 12.78 -24.54 7.25
CA PRO A 211 12.19 -23.78 6.15
C PRO A 211 11.33 -22.58 6.60
N THR A 212 10.77 -22.63 7.81
CA THR A 212 9.77 -21.64 8.30
C THR A 212 10.41 -20.26 8.42
N PHE A 213 11.71 -20.20 8.69
CA PHE A 213 12.50 -18.93 8.77
C PHE A 213 12.48 -18.23 7.41
N PHE A 214 12.28 -18.97 6.32
CA PHE A 214 12.41 -18.46 4.93
C PHE A 214 11.05 -18.45 4.23
N PHE A 215 9.97 -18.36 5.02
CA PHE A 215 8.55 -18.30 4.56
C PHE A 215 8.18 -19.56 3.77
N LEU A 216 8.84 -20.68 4.06
CA LEU A 216 8.55 -21.99 3.41
C LEU A 216 7.64 -22.78 4.35
N PRO A 217 6.84 -23.72 3.80
CA PRO A 217 5.91 -24.50 4.62
C PRO A 217 6.66 -25.39 5.63
N ASN A 218 5.98 -25.71 6.72
CA ASN A 218 6.47 -26.55 7.83
C ASN A 218 6.47 -28.02 7.39
N ARG A 219 5.61 -28.36 6.44
CA ARG A 219 5.47 -29.72 5.87
C ARG A 219 4.61 -29.65 4.61
N GLU A 220 4.99 -30.38 3.56
CA GLU A 220 4.22 -30.49 2.30
C GLU A 220 4.09 -31.98 1.95
N ILE A 221 2.88 -32.44 1.66
CA ILE A 221 2.57 -33.85 1.28
C ILE A 221 1.99 -33.82 -0.14
N LYS A 222 2.75 -34.28 -1.14
CA LYS A 222 2.30 -34.32 -2.55
C LYS A 222 1.41 -35.56 -2.75
N LEU A 223 0.13 -35.34 -3.10
CA LEU A 223 -0.87 -36.40 -3.37
C LEU A 223 -0.86 -36.76 -4.86
N THR A 224 -0.76 -35.73 -5.72
CA THR A 224 -0.65 -35.87 -7.20
C THR A 224 0.41 -34.88 -7.69
N GLN A 225 0.55 -34.73 -9.01
CA GLN A 225 1.46 -33.75 -9.66
C GLN A 225 1.10 -32.33 -9.23
N ASN A 226 -0.20 -32.05 -9.06
CA ASN A 226 -0.76 -30.68 -8.87
C ASN A 226 -1.22 -30.46 -7.43
N LEU A 227 -1.86 -31.46 -6.82
CA LEU A 227 -2.46 -31.36 -5.46
C LEU A 227 -1.40 -31.72 -4.42
N SER A 228 -1.29 -30.92 -3.36
CA SER A 228 -0.47 -31.23 -2.15
C SER A 228 -1.13 -30.61 -0.92
N LEU A 229 -0.95 -31.27 0.23
CA LEU A 229 -1.37 -30.81 1.57
C LEU A 229 -0.21 -30.03 2.17
N VAL A 230 -0.49 -28.95 2.89
CA VAL A 230 0.56 -28.01 3.37
C VAL A 230 0.23 -27.59 4.81
N GLU A 231 1.11 -27.90 5.76
CA GLU A 231 1.22 -27.20 7.06
C GLU A 231 1.99 -25.90 6.81
N GLY A 232 1.35 -24.74 6.95
CA GLY A 232 2.01 -23.44 6.75
C GLY A 232 1.04 -22.29 6.70
N ASP A 233 1.52 -21.13 6.23
CA ASP A 233 0.77 -19.86 6.09
C ASP A 233 0.35 -19.69 4.62
N MET A 234 -0.96 -19.72 4.36
CA MET A 234 -1.56 -19.60 3.01
C MET A 234 -1.08 -18.32 2.32
N PHE A 235 -0.97 -17.21 3.08
CA PHE A 235 -0.75 -15.85 2.53
C PHE A 235 0.72 -15.70 2.09
N PHE A 236 1.60 -16.57 2.59
CA PHE A 236 3.03 -16.64 2.20
C PHE A 236 3.25 -17.79 1.20
N SER A 237 2.20 -18.57 0.88
CA SER A 237 2.17 -19.40 -0.35
C SER A 237 2.33 -18.43 -1.52
N ARG A 238 2.81 -18.92 -2.66
CA ARG A 238 2.94 -18.05 -3.86
C ARG A 238 1.90 -18.51 -4.90
N MET A 239 0.80 -19.10 -4.43
CA MET A 239 -0.37 -19.43 -5.30
C MET A 239 -1.02 -18.12 -5.76
N GLN A 240 -1.56 -18.11 -6.97
CA GLN A 240 -2.08 -16.90 -7.66
C GLN A 240 -3.44 -16.52 -7.06
N THR A 241 -4.22 -17.49 -6.60
CA THR A 241 -5.58 -17.28 -6.01
C THR A 241 -5.60 -17.88 -4.61
N LEU A 242 -5.84 -17.04 -3.61
CA LEU A 242 -5.99 -17.46 -2.19
C LEU A 242 -7.49 -17.50 -1.89
N THR A 243 -7.98 -18.66 -1.43
CA THR A 243 -9.39 -18.88 -1.07
C THR A 243 -9.57 -18.49 0.40
N VAL A 244 -10.71 -17.91 0.73
CA VAL A 244 -11.01 -17.35 2.07
C VAL A 244 -12.41 -17.81 2.46
N SER A 245 -12.52 -18.62 3.50
CA SER A 245 -13.81 -19.11 4.06
C SER A 245 -14.56 -17.89 4.61
N VAL A 246 -15.79 -17.68 4.16
CA VAL A 246 -16.67 -16.55 4.59
C VAL A 246 -18.08 -17.10 4.88
N ASN A 247 -18.94 -16.25 5.44
CA ASN A 247 -20.38 -16.52 5.71
C ASN A 247 -21.20 -15.68 4.72
N THR A 248 -22.53 -15.72 4.82
CA THR A 248 -23.47 -14.93 4.00
C THR A 248 -24.22 -13.94 4.91
N VAL A 249 -23.49 -13.08 5.61
CA VAL A 249 -24.02 -11.93 6.41
C VAL A 249 -23.27 -10.66 5.99
N GLY A 250 -21.95 -10.63 6.18
CA GLY A 250 -21.11 -9.44 5.99
C GLY A 250 -20.12 -9.19 7.12
N VAL A 251 -19.88 -10.16 8.00
CA VAL A 251 -18.90 -10.06 9.14
C VAL A 251 -17.75 -11.03 8.88
N MET A 252 -16.51 -10.52 8.92
CA MET A 252 -15.27 -11.33 8.98
C MET A 252 -14.67 -11.14 10.37
N GLY A 253 -15.42 -11.51 11.40
CA GLY A 253 -15.16 -11.15 12.82
C GLY A 253 -13.97 -11.88 13.38
N LYS A 254 -13.96 -13.22 13.32
CA LYS A 254 -12.95 -14.10 13.98
C LYS A 254 -12.47 -15.18 12.99
N GLY A 255 -11.24 -15.68 13.19
CA GLY A 255 -10.65 -16.81 12.45
C GLY A 255 -9.62 -16.37 11.42
N LEU A 256 -9.58 -17.04 10.27
CA LEU A 256 -8.74 -16.66 9.09
C LEU A 256 -9.30 -15.37 8.47
N ALA A 257 -10.62 -15.27 8.35
CA ALA A 257 -11.33 -14.06 7.83
C ALA A 257 -10.87 -12.82 8.58
N SER A 258 -10.73 -12.92 9.90
CA SER A 258 -10.23 -11.83 10.79
C SER A 258 -8.88 -11.31 10.26
N ARG A 259 -7.94 -12.20 9.99
CA ARG A 259 -6.59 -11.82 9.49
C ARG A 259 -6.74 -11.10 8.14
N VAL A 260 -7.62 -11.60 7.28
CA VAL A 260 -7.88 -11.03 5.92
C VAL A 260 -8.38 -9.59 6.09
N LYS A 261 -9.23 -9.34 7.09
CA LYS A 261 -9.83 -8.01 7.37
C LYS A 261 -8.74 -7.01 7.74
N TYR A 262 -7.70 -7.45 8.45
CA TYR A 262 -6.64 -6.56 8.98
C TYR A 262 -5.55 -6.39 7.92
N GLN A 263 -5.13 -7.49 7.29
CA GLN A 263 -4.01 -7.51 6.31
C GLN A 263 -4.50 -6.97 4.96
N PHE A 264 -5.73 -7.30 4.55
CA PHE A 264 -6.28 -7.00 3.19
C PHE A 264 -7.66 -6.36 3.33
N PRO A 265 -7.78 -5.18 3.98
CA PRO A 265 -9.08 -4.59 4.29
C PRO A 265 -9.98 -4.33 3.06
N ASP A 266 -9.37 -4.07 1.89
CA ASP A 266 -10.13 -3.89 0.61
C ASP A 266 -10.90 -5.18 0.28
N VAL A 267 -10.36 -6.36 0.64
CA VAL A 267 -11.00 -7.68 0.40
C VAL A 267 -12.29 -7.74 1.23
N TYR A 268 -12.23 -7.26 2.47
CA TYR A 268 -13.39 -7.17 3.41
C TYR A 268 -14.48 -6.34 2.74
N VAL A 269 -14.11 -5.16 2.21
CA VAL A 269 -15.03 -4.19 1.57
C VAL A 269 -15.68 -4.83 0.34
N VAL A 270 -14.88 -5.52 -0.47
CA VAL A 270 -15.33 -6.23 -1.70
C VAL A 270 -16.29 -7.34 -1.27
N PHE A 271 -15.98 -8.04 -0.19
CA PHE A 271 -16.82 -9.13 0.37
C PHE A 271 -18.20 -8.58 0.69
N GLN A 272 -18.26 -7.47 1.44
CA GLN A 272 -19.53 -6.82 1.87
C GLN A 272 -20.32 -6.34 0.65
N ASP A 273 -19.68 -5.58 -0.24
CA ASP A 273 -20.29 -5.04 -1.49
C ASP A 273 -20.87 -6.20 -2.31
N ALA A 274 -20.08 -7.25 -2.54
CA ALA A 274 -20.46 -8.44 -3.33
C ALA A 274 -21.60 -9.21 -2.64
N CYS A 275 -21.54 -9.31 -1.30
CA CYS A 275 -22.57 -10.01 -0.48
C CYS A 275 -23.92 -9.32 -0.70
N LYS A 276 -23.97 -8.00 -0.52
CA LYS A 276 -25.22 -7.19 -0.50
C LYS A 276 -25.73 -6.92 -1.92
N LYS A 277 -25.01 -7.39 -2.94
CA LYS A 277 -25.44 -7.33 -4.37
C LYS A 277 -25.78 -8.74 -4.88
N LYS A 278 -25.87 -9.72 -3.97
CA LYS A 278 -26.32 -11.11 -4.26
C LYS A 278 -25.32 -11.83 -5.19
N GLU A 279 -24.17 -11.22 -5.50
CA GLU A 279 -23.11 -11.80 -6.38
C GLU A 279 -22.38 -12.92 -5.63
N LEU A 280 -22.52 -12.94 -4.30
CA LEU A 280 -22.01 -13.98 -3.37
C LEU A 280 -23.17 -14.52 -2.55
N GLU A 281 -23.76 -15.63 -2.99
CA GLU A 281 -24.72 -16.44 -2.20
C GLU A 281 -24.00 -17.69 -1.70
N PHE A 282 -24.49 -18.28 -0.61
CA PHE A 282 -24.12 -19.64 -0.11
C PHE A 282 -24.07 -20.58 -1.33
N GLY A 283 -22.89 -21.18 -1.59
CA GLY A 283 -22.66 -22.13 -2.69
C GLY A 283 -22.21 -21.46 -3.98
N LYS A 284 -22.06 -20.14 -4.00
CA LYS A 284 -21.63 -19.35 -5.19
C LYS A 284 -20.43 -18.50 -4.80
N PRO A 285 -19.20 -19.06 -4.93
CA PRO A 285 -17.98 -18.30 -4.64
C PRO A 285 -17.79 -17.09 -5.57
N TYR A 286 -17.29 -15.98 -5.01
CA TYR A 286 -16.95 -14.73 -5.74
C TYR A 286 -15.42 -14.62 -5.83
N LEU A 287 -14.89 -14.48 -7.04
CA LEU A 287 -13.44 -14.28 -7.30
C LEU A 287 -13.15 -12.77 -7.42
N TYR A 288 -12.34 -12.24 -6.51
CA TYR A 288 -11.81 -10.85 -6.52
C TYR A 288 -10.49 -10.85 -7.27
N LYS A 289 -10.47 -10.29 -8.49
CA LYS A 289 -9.26 -10.20 -9.34
C LYS A 289 -8.49 -8.93 -8.95
N ARG A 290 -7.96 -8.93 -7.72
CA ARG A 290 -7.20 -7.82 -7.09
C ARG A 290 -5.92 -7.54 -7.89
N GLU A 291 -5.77 -6.33 -8.43
CA GLU A 291 -4.62 -5.91 -9.28
C GLU A 291 -3.46 -5.44 -8.39
N SER A 292 -3.65 -5.44 -7.07
CA SER A 292 -2.63 -5.07 -6.05
C SER A 292 -1.47 -6.07 -6.09
N SER A 293 -0.25 -5.61 -5.82
CA SER A 293 1.00 -6.42 -5.74
C SER A 293 1.29 -6.79 -4.29
N LEU A 294 1.33 -8.09 -3.98
CA LEU A 294 1.50 -8.61 -2.60
C LEU A 294 2.96 -8.45 -2.16
N ASP A 295 3.91 -8.57 -3.09
CA ASP A 295 5.37 -8.46 -2.82
C ASP A 295 5.71 -7.05 -2.33
N ALA A 296 5.15 -6.02 -2.99
CA ALA A 296 5.35 -4.59 -2.64
C ALA A 296 4.90 -4.33 -1.20
N PHE A 297 3.74 -4.84 -0.78
CA PHE A 297 3.16 -4.65 0.58
C PHE A 297 4.03 -5.40 1.60
N LEU A 298 4.39 -6.65 1.33
CA LEU A 298 5.11 -7.52 2.30
C LEU A 298 6.59 -7.13 2.40
N ALA A 299 7.28 -6.95 1.27
CA ALA A 299 8.73 -6.62 1.21
C ALA A 299 8.95 -5.20 1.71
N GLU A 300 10.14 -4.93 2.26
CA GLU A 300 10.59 -3.57 2.67
C GLU A 300 10.69 -2.68 1.42
N ASP A 301 10.15 -1.47 1.49
CA ASP A 301 10.12 -0.46 0.39
C ASP A 301 11.31 0.51 0.56
N ASN A 309 6.69 -9.11 -10.42
CA ASN A 309 5.39 -8.49 -10.79
C ASN A 309 4.29 -9.57 -10.81
N HIS A 310 4.21 -10.37 -9.73
CA HIS A 310 3.27 -11.50 -9.53
C HIS A 310 1.92 -10.96 -9.03
N GLN A 311 0.80 -11.47 -9.58
CA GLN A 311 -0.58 -11.08 -9.19
C GLN A 311 -1.12 -12.07 -8.15
N THR A 312 -1.95 -11.58 -7.23
CA THR A 312 -2.59 -12.36 -6.14
C THR A 312 -4.07 -11.98 -6.06
N TRP A 313 -4.94 -12.89 -6.48
CA TRP A 313 -6.42 -12.78 -6.41
C TRP A 313 -6.91 -13.42 -5.12
N PHE A 314 -8.12 -13.08 -4.70
CA PHE A 314 -8.80 -13.65 -3.52
C PHE A 314 -10.13 -14.26 -3.96
N LEU A 315 -10.32 -15.56 -3.69
CA LEU A 315 -11.59 -16.28 -3.91
C LEU A 315 -12.37 -16.30 -2.61
N LEU A 316 -13.54 -15.66 -2.58
CA LEU A 316 -14.46 -15.67 -1.41
C LEU A 316 -15.37 -16.90 -1.53
N PHE A 317 -15.20 -17.85 -0.62
CA PHE A 317 -15.83 -19.18 -0.62
C PHE A 317 -16.78 -19.30 0.57
N PRO A 318 -18.11 -19.11 0.38
CA PRO A 318 -19.05 -19.24 1.49
C PRO A 318 -19.20 -20.69 1.97
N THR A 319 -18.86 -20.95 3.23
CA THR A 319 -18.91 -22.28 3.90
C THR A 319 -20.07 -22.35 4.89
N LYS A 320 -20.88 -21.29 5.01
CA LYS A 320 -22.03 -21.21 5.96
C LYS A 320 -22.89 -19.99 5.64
N ARG A 321 -24.03 -19.83 6.32
CA ARG A 321 -25.00 -18.73 6.14
C ARG A 321 -24.71 -17.62 7.16
N HIS A 322 -25.00 -17.85 8.44
CA HIS A 322 -24.70 -16.91 9.57
C HIS A 322 -23.34 -17.28 10.18
N TRP A 323 -22.72 -16.34 10.91
CA TRP A 323 -21.38 -16.52 11.55
C TRP A 323 -21.49 -17.37 12.82
N LYS A 324 -22.71 -17.54 13.35
CA LYS A 324 -23.01 -18.34 14.57
C LYS A 324 -23.06 -19.83 14.21
N ASN A 325 -24.09 -20.27 13.47
CA ASN A 325 -24.41 -21.70 13.23
C ASN A 325 -23.30 -22.37 12.38
N MET A 326 -23.34 -23.69 12.28
CA MET A 326 -22.25 -24.57 11.75
C MET A 326 -22.08 -24.36 10.23
N SER A 327 -21.02 -24.98 9.67
CA SER A 327 -20.77 -25.10 8.20
C SER A 327 -21.60 -26.28 7.65
N GLU A 328 -22.11 -26.13 6.42
CA GLU A 328 -22.95 -27.15 5.72
C GLU A 328 -22.15 -27.73 4.55
N ILE A 329 -22.26 -29.03 4.33
CA ILE A 329 -21.40 -29.82 3.40
C ILE A 329 -21.88 -29.59 1.96
N LYS A 330 -23.17 -29.33 1.77
CA LYS A 330 -23.78 -29.06 0.44
C LYS A 330 -23.30 -27.71 -0.09
N GLY A 331 -23.05 -26.75 0.82
CA GLY A 331 -22.49 -25.42 0.49
C GLY A 331 -21.05 -25.51 0.03
N ILE A 332 -20.29 -26.45 0.60
CA ILE A 332 -18.87 -26.71 0.26
C ILE A 332 -18.81 -27.46 -1.08
N GLU A 333 -19.51 -28.60 -1.18
CA GLU A 333 -19.60 -29.42 -2.41
C GLU A 333 -19.90 -28.51 -3.60
N SER A 334 -20.90 -27.63 -3.44
CA SER A 334 -21.32 -26.60 -4.43
C SER A 334 -20.12 -25.75 -4.84
N GLY A 335 -19.48 -25.10 -3.87
CA GLY A 335 -18.33 -24.20 -4.08
C GLY A 335 -17.18 -24.90 -4.78
N LEU A 336 -16.90 -26.15 -4.42
CA LEU A 336 -15.80 -26.96 -5.01
C LEU A 336 -16.12 -27.24 -6.48
N ARG A 337 -17.35 -27.63 -6.78
CA ARG A 337 -17.86 -27.82 -8.17
C ARG A 337 -17.64 -26.52 -8.95
N TRP A 338 -18.04 -25.39 -8.35
CA TRP A 338 -17.87 -24.03 -8.96
C TRP A 338 -16.42 -23.88 -9.40
N ILE A 339 -15.46 -24.15 -8.50
CA ILE A 339 -14.00 -24.01 -8.77
C ILE A 339 -13.64 -24.88 -9.98
N VAL A 340 -14.00 -26.16 -9.96
CA VAL A 340 -13.70 -27.14 -11.05
C VAL A 340 -14.24 -26.58 -12.37
N GLU A 341 -15.45 -26.04 -12.38
CA GLU A 341 -16.16 -25.58 -13.61
C GLU A 341 -15.56 -24.27 -14.13
N ASN A 342 -15.00 -23.42 -13.26
CA ASN A 342 -14.77 -21.98 -13.58
C ASN A 342 -13.29 -21.58 -13.52
N TYR A 343 -12.38 -22.45 -13.07
CA TYR A 343 -10.95 -22.08 -12.92
C TYR A 343 -10.35 -21.80 -14.31
N LYS A 344 -10.80 -22.54 -15.33
CA LYS A 344 -10.43 -22.31 -16.75
C LYS A 344 -10.94 -20.93 -17.21
N LYS A 345 -12.26 -20.75 -17.28
CA LYS A 345 -12.93 -19.47 -17.66
C LYS A 345 -12.21 -18.27 -17.06
N GLU A 346 -12.04 -18.26 -15.74
CA GLU A 346 -11.72 -17.05 -14.92
C GLU A 346 -10.20 -16.79 -14.91
N GLY A 347 -9.39 -17.75 -15.35
CA GLY A 347 -7.94 -17.57 -15.53
C GLY A 347 -7.17 -17.75 -14.24
N ILE A 348 -7.66 -18.59 -13.34
CA ILE A 348 -6.95 -19.00 -12.09
C ILE A 348 -5.76 -19.88 -12.48
N LYS A 349 -4.53 -19.38 -12.28
CA LYS A 349 -3.26 -20.06 -12.69
C LYS A 349 -2.87 -21.10 -11.63
N SER A 350 -3.08 -20.80 -10.36
CA SER A 350 -2.75 -21.68 -9.20
C SER A 350 -3.61 -21.29 -8.00
N LEU A 351 -3.85 -22.24 -7.08
CA LEU A 351 -4.92 -22.12 -6.06
C LEU A 351 -4.40 -22.60 -4.68
N ALA A 352 -4.64 -21.80 -3.65
CA ALA A 352 -4.52 -22.18 -2.23
C ALA A 352 -5.91 -22.12 -1.61
N VAL A 353 -6.45 -23.27 -1.18
CA VAL A 353 -7.71 -23.34 -0.38
C VAL A 353 -7.34 -23.76 1.03
N PRO A 354 -7.91 -23.13 2.08
CA PRO A 354 -7.76 -23.62 3.44
C PRO A 354 -8.74 -24.78 3.66
N ALA A 355 -8.48 -25.64 4.64
CA ALA A 355 -9.43 -26.67 5.11
C ALA A 355 -10.77 -25.97 5.40
N LEU A 356 -11.80 -26.26 4.60
CA LEU A 356 -13.09 -25.51 4.62
C LEU A 356 -13.94 -25.99 5.80
N GLY A 357 -14.43 -25.05 6.61
CA GLY A 357 -15.30 -25.32 7.78
C GLY A 357 -14.61 -26.12 8.87
N CYS A 358 -13.28 -26.25 8.84
CA CYS A 358 -12.51 -27.17 9.72
C CYS A 358 -12.12 -26.47 11.04
N GLY A 359 -12.42 -25.18 11.19
CA GLY A 359 -12.10 -24.39 12.40
C GLY A 359 -13.35 -24.00 13.17
N LEU A 360 -13.87 -22.79 12.91
CA LEU A 360 -15.07 -22.21 13.56
C LEU A 360 -16.34 -22.92 13.06
N GLY A 361 -16.36 -23.32 11.79
CA GLY A 361 -17.46 -24.06 11.15
C GLY A 361 -17.84 -25.33 11.91
N GLY A 362 -16.86 -25.99 12.53
CA GLY A 362 -17.06 -27.13 13.45
C GLY A 362 -17.27 -28.45 12.71
N LEU A 363 -16.77 -28.56 11.48
CA LEU A 363 -16.74 -29.82 10.68
C LEU A 363 -15.36 -30.48 10.87
N GLU A 364 -15.26 -31.77 10.54
CA GLU A 364 -14.02 -32.58 10.74
C GLU A 364 -13.35 -32.81 9.38
N TRP A 365 -12.02 -32.92 9.40
CA TRP A 365 -11.19 -33.14 8.18
C TRP A 365 -11.48 -34.53 7.61
N SER A 366 -11.91 -35.46 8.46
CA SER A 366 -12.30 -36.84 8.07
C SER A 366 -13.41 -36.81 7.02
N ILE A 367 -14.22 -35.74 7.00
CA ILE A 367 -15.33 -35.54 6.02
C ILE A 367 -14.87 -34.56 4.94
N VAL A 368 -14.33 -33.42 5.33
CA VAL A 368 -14.01 -32.30 4.39
C VAL A 368 -12.81 -32.69 3.52
N GLY A 369 -11.79 -33.29 4.12
CA GLY A 369 -10.54 -33.67 3.42
C GLY A 369 -10.84 -34.41 2.12
N PRO A 370 -11.44 -35.62 2.18
CA PRO A 370 -11.76 -36.37 0.98
C PRO A 370 -12.59 -35.54 -0.01
N LEU A 371 -13.64 -34.89 0.47
CA LEU A 371 -14.55 -34.05 -0.37
C LEU A 371 -13.73 -33.05 -1.18
N MET A 372 -12.86 -32.27 -0.51
CA MET A 372 -12.02 -31.23 -1.15
C MET A 372 -11.09 -31.88 -2.18
N CYS A 373 -10.44 -32.98 -1.81
CA CYS A 373 -9.46 -33.69 -2.69
C CYS A 373 -10.17 -34.22 -3.92
N ARG A 374 -11.29 -34.94 -3.72
CA ARG A 374 -12.17 -35.49 -4.78
C ARG A 374 -12.31 -34.48 -5.92
N TYR A 375 -12.58 -33.21 -5.59
CA TYR A 375 -12.89 -32.14 -6.58
C TYR A 375 -11.61 -31.48 -7.08
N LEU A 376 -10.71 -31.09 -6.17
CA LEU A 376 -9.55 -30.24 -6.50
C LEU A 376 -8.45 -31.06 -7.18
N THR A 377 -8.54 -32.39 -7.15
CA THR A 377 -7.59 -33.28 -7.87
C THR A 377 -7.85 -33.14 -9.37
N LYS A 378 -9.09 -32.83 -9.76
CA LYS A 378 -9.49 -32.62 -11.17
C LYS A 378 -8.72 -31.41 -11.75
N LEU A 379 -8.43 -30.38 -10.96
CA LEU A 379 -7.77 -29.13 -11.43
C LEU A 379 -6.45 -29.47 -12.11
N GLU A 380 -6.21 -28.88 -13.30
CA GLU A 380 -4.96 -29.05 -14.11
C GLU A 380 -4.01 -27.89 -13.81
N ILE A 381 -4.03 -27.37 -12.58
CA ILE A 381 -3.14 -26.26 -12.10
C ILE A 381 -2.60 -26.64 -10.73
N PRO A 382 -1.50 -26.02 -10.25
CA PRO A 382 -1.02 -26.24 -8.89
C PRO A 382 -2.13 -25.90 -7.87
N VAL A 383 -2.34 -26.78 -6.88
CA VAL A 383 -3.37 -26.62 -5.82
C VAL A 383 -2.74 -27.03 -4.48
N GLN A 384 -2.84 -26.14 -3.49
CA GLN A 384 -2.37 -26.40 -2.10
C GLN A 384 -3.58 -26.36 -1.16
N ILE A 385 -3.98 -27.51 -0.62
CA ILE A 385 -4.96 -27.58 0.50
C ILE A 385 -4.16 -27.37 1.79
N TYR A 386 -4.48 -26.29 2.52
CA TYR A 386 -3.75 -25.88 3.74
C TYR A 386 -4.45 -26.50 4.95
N LEU A 387 -3.77 -27.47 5.57
CA LEU A 387 -4.28 -28.23 6.74
C LEU A 387 -4.54 -27.27 7.90
N PRO A 388 -5.57 -27.56 8.72
CA PRO A 388 -5.92 -26.72 9.86
C PRO A 388 -4.82 -26.79 10.92
N LEU A 389 -4.47 -25.65 11.51
CA LEU A 389 -3.23 -25.46 12.32
C LEU A 389 -3.52 -25.62 13.82
N GLU A 390 -4.79 -25.69 14.19
CA GLU A 390 -5.27 -25.68 15.60
C GLU A 390 -5.81 -27.07 15.95
N LYS A 391 -5.26 -28.13 15.36
CA LYS A 391 -5.99 -29.43 15.23
C LYS A 391 -5.06 -30.51 14.68
N ARG A 392 -4.94 -31.64 15.38
CA ARG A 392 -4.06 -32.78 14.99
C ARG A 392 -4.83 -33.74 14.07
N ILE A 393 -4.33 -33.96 12.86
CA ILE A 393 -4.88 -34.96 11.87
C ILE A 393 -4.07 -36.24 12.00
N PRO A 394 -4.71 -37.40 12.28
CA PRO A 394 -4.01 -38.69 12.20
C PRO A 394 -3.31 -38.84 10.85
N ASP A 395 -2.10 -39.41 10.84
CA ASP A 395 -1.21 -39.43 9.65
C ASP A 395 -1.91 -40.19 8.50
N VAL A 396 -2.68 -41.23 8.83
CA VAL A 396 -3.42 -42.09 7.85
C VAL A 396 -4.49 -41.27 7.11
N GLN A 397 -4.98 -40.16 7.68
CA GLN A 397 -5.99 -39.29 7.03
C GLN A 397 -5.30 -38.27 6.10
N LEU A 398 -3.98 -38.31 5.97
CA LEU A 398 -3.21 -37.46 5.01
C LEU A 398 -2.66 -38.33 3.87
N SER A 399 -2.98 -39.63 3.86
CA SER A 399 -2.56 -40.58 2.80
C SER A 399 -3.51 -40.47 1.62
N PRO A 400 -3.05 -40.73 0.37
CA PRO A 400 -3.90 -40.63 -0.81
C PRO A 400 -4.94 -41.76 -0.83
N LYS A 401 -4.61 -42.90 -0.23
CA LYS A 401 -5.53 -44.05 -0.04
C LYS A 401 -6.84 -43.55 0.57
N PHE A 402 -6.75 -42.71 1.60
CA PHE A 402 -7.92 -42.14 2.33
C PHE A 402 -8.57 -41.02 1.53
N LEU A 403 -7.78 -40.02 1.09
CA LEU A 403 -8.29 -38.74 0.55
C LEU A 403 -8.73 -38.87 -0.91
N LEU A 404 -8.13 -39.79 -1.68
CA LEU A 404 -8.44 -39.97 -3.13
C LEU A 404 -9.11 -41.32 -3.40
N ASP A 405 -10.07 -41.73 -2.54
CA ASP A 405 -10.86 -42.98 -2.72
C ASP A 405 -12.11 -42.93 -1.83
N PHE B 23 -16.96 16.46 -25.51
CA PHE B 23 -15.80 17.43 -25.39
C PHE B 23 -14.58 16.67 -24.81
N ARG B 24 -13.37 17.14 -25.16
CA ARG B 24 -12.10 16.41 -24.92
C ARG B 24 -10.89 17.26 -25.35
N GLU B 25 -9.84 17.22 -24.52
CA GLU B 25 -8.45 17.68 -24.82
C GLU B 25 -7.51 16.56 -24.35
N LEU B 26 -6.28 16.52 -24.90
CA LEU B 26 -5.19 15.66 -24.39
C LEU B 26 -4.14 16.57 -23.72
N TYR B 27 -3.31 16.01 -22.85
CA TYR B 27 -2.49 16.77 -21.87
C TYR B 27 -1.08 16.18 -21.80
N TYR B 28 -0.08 17.06 -21.94
CA TYR B 28 1.36 16.74 -21.80
C TYR B 28 1.90 17.53 -20.59
N ILE B 29 2.36 16.83 -19.57
CA ILE B 29 3.00 17.41 -18.35
C ILE B 29 4.45 17.73 -18.70
N THR B 30 4.94 18.93 -18.35
CA THR B 30 6.35 19.34 -18.55
C THR B 30 6.75 20.44 -17.57
N HIS B 31 8.06 20.68 -17.44
CA HIS B 31 8.64 21.84 -16.70
C HIS B 31 8.27 23.11 -17.48
N ILE B 32 7.93 24.18 -16.78
CA ILE B 32 7.41 25.43 -17.41
C ILE B 32 8.53 26.13 -18.21
N ASP B 33 9.80 25.79 -17.93
CA ASP B 33 10.98 26.30 -18.68
C ASP B 33 10.93 25.80 -20.13
N ASN B 34 10.30 24.65 -20.38
CA ASN B 34 10.29 23.97 -21.71
C ASN B 34 9.18 24.51 -22.62
N VAL B 35 8.27 25.34 -22.10
CA VAL B 35 7.00 25.68 -22.82
C VAL B 35 7.31 26.43 -24.12
N PRO B 36 8.20 27.45 -24.11
CA PRO B 36 8.61 28.12 -25.35
C PRO B 36 9.22 27.16 -26.39
N SER B 37 10.15 26.29 -25.96
CA SER B 37 10.78 25.22 -26.80
C SER B 37 9.69 24.39 -27.49
N ILE B 38 8.67 23.99 -26.74
CA ILE B 38 7.57 23.10 -27.21
C ILE B 38 6.69 23.88 -28.20
N LEU B 39 6.37 25.14 -27.93
CA LEU B 39 5.51 25.98 -28.81
C LEU B 39 6.22 26.22 -30.14
N GLU B 40 7.55 26.16 -30.15
CA GLU B 40 8.40 26.38 -31.36
C GLU B 40 8.66 25.03 -32.05
N LYS B 41 9.38 24.12 -31.38
CA LYS B 41 9.84 22.81 -31.95
C LYS B 41 8.68 21.80 -31.99
N GLY B 42 7.84 21.76 -30.95
CA GLY B 42 6.74 20.78 -30.78
C GLY B 42 6.95 19.90 -29.56
N ILE B 43 5.98 19.04 -29.26
CA ILE B 43 6.11 17.99 -28.21
C ILE B 43 6.90 16.82 -28.82
N LEU B 44 8.14 16.62 -28.36
CA LEU B 44 9.08 15.60 -28.91
C LEU B 44 9.08 14.36 -28.00
N SER B 45 9.26 13.18 -28.59
CA SER B 45 9.49 11.90 -27.86
C SER B 45 10.85 11.99 -27.15
N HIS B 46 11.04 11.23 -26.06
CA HIS B 46 12.28 11.21 -25.25
C HIS B 46 13.42 10.65 -26.10
N ALA B 47 13.08 9.90 -27.15
CA ALA B 47 14.00 9.40 -28.21
C ALA B 47 14.40 10.55 -29.15
N GLU B 48 13.42 11.37 -29.56
CA GLU B 48 13.61 12.50 -30.50
C GLU B 48 14.46 13.59 -29.83
N ILE B 49 14.38 13.74 -28.50
CA ILE B 49 15.20 14.71 -27.72
C ILE B 49 16.67 14.28 -27.78
N GLU B 50 16.94 12.98 -27.61
CA GLU B 50 18.31 12.38 -27.69
C GLU B 50 18.85 12.53 -29.12
N ARG B 51 18.07 12.10 -30.12
CA ARG B 51 18.44 12.14 -31.56
C ARG B 51 18.86 13.56 -31.95
N GLN B 52 18.06 14.55 -31.54
CA GLN B 52 18.16 15.95 -32.02
C GLN B 52 19.08 16.76 -31.07
N SER B 53 19.67 16.10 -30.07
CA SER B 53 20.66 16.66 -29.10
C SER B 53 20.11 17.95 -28.44
N ILE B 54 18.81 17.96 -28.13
CA ILE B 54 18.08 19.15 -27.57
C ILE B 54 18.42 19.28 -26.08
N ASN B 55 18.44 20.52 -25.59
CA ASN B 55 18.83 20.92 -24.21
C ASN B 55 17.56 21.20 -23.39
N CYS B 56 16.48 20.44 -23.64
CA CYS B 56 15.15 20.53 -22.99
C CYS B 56 15.28 19.93 -21.58
N LYS B 57 15.59 20.78 -20.58
CA LYS B 57 15.98 20.37 -19.21
C LYS B 57 14.74 20.14 -18.34
N LYS B 58 14.32 18.87 -18.19
CA LYS B 58 13.08 18.46 -17.50
C LYS B 58 13.39 17.65 -16.24
N VAL B 59 12.37 17.33 -15.44
CA VAL B 59 12.45 16.47 -14.22
C VAL B 59 11.49 15.27 -14.39
N TYR B 60 12.04 14.16 -14.86
CA TYR B 60 11.51 12.77 -14.75
C TYR B 60 12.61 11.89 -14.17
N ASP B 61 12.41 11.32 -12.99
CA ASP B 61 13.42 10.50 -12.26
C ASP B 61 13.95 9.40 -13.20
N ASN B 62 15.26 9.16 -13.18
CA ASN B 62 15.96 8.17 -14.06
C ASN B 62 15.29 6.80 -13.96
N SER B 63 14.83 6.42 -12.75
CA SER B 63 14.06 5.18 -12.47
C SER B 63 12.91 5.04 -13.47
N ILE B 64 12.19 6.13 -13.74
CA ILE B 64 11.04 6.19 -14.70
C ILE B 64 11.57 6.13 -16.13
N VAL B 65 12.62 6.91 -16.46
CA VAL B 65 13.23 7.00 -17.83
C VAL B 65 13.65 5.58 -18.27
N LEU B 66 14.39 4.87 -17.40
CA LEU B 66 14.97 3.53 -17.68
C LEU B 66 13.86 2.45 -17.73
N LYS B 67 12.69 2.73 -17.15
CA LYS B 67 11.49 1.85 -17.20
C LYS B 67 10.77 2.02 -18.55
N ARG B 68 10.61 3.28 -19.00
CA ARG B 68 9.87 3.65 -20.23
C ARG B 68 10.65 3.19 -21.47
N LYS B 69 11.98 3.36 -21.47
CA LYS B 69 12.89 2.92 -22.56
C LYS B 69 12.80 1.39 -22.70
N SER B 70 12.90 0.66 -21.57
CA SER B 70 13.01 -0.81 -21.48
C SER B 70 11.72 -1.51 -21.92
N ARG B 71 10.60 -0.78 -22.00
CA ARG B 71 9.31 -1.27 -22.54
C ARG B 71 9.37 -1.24 -24.08
N LEU B 72 9.24 -2.40 -24.71
CA LEU B 72 9.19 -2.56 -26.20
C LEU B 72 7.74 -2.80 -26.62
N LEU B 73 7.42 -2.57 -27.90
CA LEU B 73 6.08 -2.74 -28.51
C LEU B 73 6.20 -3.57 -29.79
N ALA B 74 5.07 -3.92 -30.40
CA ALA B 74 4.96 -4.53 -31.74
C ALA B 74 5.52 -3.57 -32.81
N ASP B 75 6.04 -4.14 -33.90
CA ASP B 75 6.63 -3.43 -35.08
C ASP B 75 7.95 -2.73 -34.67
N ASN B 76 8.85 -3.45 -34.00
CA ASN B 76 10.26 -3.03 -33.72
C ASN B 76 10.26 -1.58 -33.21
N ARG B 77 9.49 -1.31 -32.16
CA ARG B 77 9.26 0.07 -31.66
C ARG B 77 9.27 0.06 -30.13
N SER B 78 9.89 1.08 -29.53
CA SER B 78 9.97 1.31 -28.06
C SER B 78 8.97 2.40 -27.66
N LEU B 79 8.65 2.45 -26.37
CA LEU B 79 7.67 3.42 -25.82
C LEU B 79 8.26 4.83 -25.83
N TRP B 80 9.58 4.96 -25.66
CA TRP B 80 10.28 6.27 -25.56
C TRP B 80 10.38 6.92 -26.95
N GLU B 81 9.98 6.22 -28.02
CA GLU B 81 9.90 6.75 -29.41
C GLU B 81 8.62 7.60 -29.59
N PHE B 82 7.65 7.45 -28.67
CA PHE B 82 6.35 8.16 -28.71
C PHE B 82 6.34 9.30 -27.68
N ALA B 83 5.40 10.23 -27.86
CA ALA B 83 5.10 11.35 -26.93
C ALA B 83 3.84 11.00 -26.14
N ASN B 84 3.93 11.05 -24.81
CA ASN B 84 2.89 10.54 -23.88
C ASN B 84 1.88 11.66 -23.58
N LEU B 85 0.71 11.62 -24.24
CA LEU B 85 -0.41 12.57 -24.02
C LEU B 85 -1.47 11.90 -23.15
N TYR B 86 -1.56 12.29 -21.88
CA TYR B 86 -2.52 11.72 -20.89
C TYR B 86 -3.93 12.21 -21.20
N PHE B 87 -4.94 11.37 -20.93
CA PHE B 87 -6.37 11.75 -20.95
C PHE B 87 -6.70 12.49 -19.66
N GLN B 88 -6.01 12.11 -18.58
CA GLN B 88 -6.13 12.74 -17.24
C GLN B 88 -4.74 13.09 -16.73
N PRO B 89 -4.35 14.38 -16.71
CA PRO B 89 -3.05 14.78 -16.18
C PRO B 89 -2.98 14.86 -14.64
N ARG B 90 -4.12 15.06 -13.97
CA ARG B 90 -4.23 15.07 -12.49
C ARG B 90 -4.17 13.63 -12.00
N ASN B 91 -2.98 13.03 -12.02
CA ASN B 91 -2.73 11.57 -11.93
C ASN B 91 -1.47 11.29 -11.10
N PRO B 92 -1.19 10.02 -10.73
CA PRO B 92 0.00 9.66 -9.97
C PRO B 92 1.36 10.22 -10.43
N MET B 93 1.55 10.43 -11.74
CA MET B 93 2.81 10.97 -12.29
C MET B 93 2.98 12.42 -11.81
N LEU B 94 1.98 13.27 -12.06
CA LEU B 94 1.99 14.69 -11.64
C LEU B 94 2.18 14.75 -10.12
N TYR B 95 1.49 13.89 -9.39
CA TYR B 95 1.59 13.78 -7.91
C TYR B 95 3.02 13.39 -7.51
N ARG B 96 3.62 12.43 -8.22
CA ARG B 96 5.00 11.95 -7.96
C ARG B 96 5.97 13.12 -8.12
N LEU B 97 5.82 13.92 -9.17
CA LEU B 97 6.72 15.07 -9.46
C LEU B 97 6.63 16.09 -8.32
N LEU B 98 5.42 16.32 -7.78
CA LEU B 98 5.17 17.38 -6.76
C LEU B 98 5.75 16.97 -5.40
N VAL B 99 5.72 15.68 -5.06
CA VAL B 99 6.24 15.19 -3.76
C VAL B 99 7.76 14.98 -3.86
N GLN B 100 8.29 14.72 -5.06
CA GLN B 100 9.75 14.63 -5.33
C GLN B 100 10.38 16.02 -5.38
N GLY B 101 9.76 17.03 -4.75
CA GLY B 101 10.40 18.35 -4.51
C GLY B 101 9.95 19.43 -5.46
N LEU B 102 9.57 19.08 -6.70
CA LEU B 102 9.08 20.05 -7.72
C LEU B 102 7.79 20.71 -7.20
N LYS B 103 7.56 21.98 -7.53
CA LYS B 103 6.37 22.76 -7.07
C LYS B 103 5.41 23.02 -8.22
N PRO B 104 4.13 23.38 -7.95
CA PRO B 104 3.18 23.73 -9.00
C PRO B 104 3.61 24.86 -9.95
N LYS B 105 4.37 25.84 -9.44
CA LYS B 105 4.88 26.99 -10.23
C LYS B 105 5.96 26.51 -11.24
N ASP B 106 6.60 25.37 -10.97
CA ASP B 106 7.67 24.79 -11.83
C ASP B 106 7.06 24.00 -12.99
N LEU B 107 5.76 23.73 -12.95
CA LEU B 107 5.10 22.77 -13.87
C LEU B 107 4.07 23.48 -14.75
N ALA B 108 3.86 22.91 -15.94
CA ALA B 108 2.87 23.33 -16.95
C ALA B 108 2.28 22.08 -17.61
N ILE B 109 0.96 22.05 -17.76
CA ILE B 109 0.24 20.98 -18.52
C ILE B 109 -0.17 21.59 -19.86
N VAL B 110 0.40 21.06 -20.95
CA VAL B 110 0.18 21.55 -22.34
C VAL B 110 -1.02 20.79 -22.90
N ALA B 111 -2.08 21.51 -23.25
CA ALA B 111 -3.32 20.95 -23.83
C ALA B 111 -3.12 20.74 -25.33
N VAL B 112 -3.51 19.56 -25.82
CA VAL B 112 -3.46 19.15 -27.25
C VAL B 112 -4.89 18.85 -27.68
N LYS B 113 -5.30 19.31 -28.86
CA LYS B 113 -6.71 19.23 -29.35
C LYS B 113 -7.09 17.76 -29.58
N TRP B 114 -8.36 17.42 -29.33
CA TRP B 114 -8.98 16.11 -29.67
C TRP B 114 -8.54 15.67 -31.07
N THR B 115 -8.39 16.66 -31.96
CA THR B 115 -8.21 16.52 -33.43
C THR B 115 -6.99 15.66 -33.75
N ILE B 116 -6.01 15.53 -32.84
CA ILE B 116 -4.77 14.72 -33.07
C ILE B 116 -5.12 13.24 -33.12
N MET B 117 -6.28 12.85 -32.57
CA MET B 117 -6.74 11.43 -32.51
C MET B 117 -7.13 10.96 -33.93
N LYS B 118 -7.39 11.90 -34.86
CA LYS B 118 -7.74 11.60 -36.27
C LYS B 118 -6.56 10.93 -36.98
N ARG B 119 -5.32 11.28 -36.63
CA ARG B 119 -4.09 10.62 -37.14
C ARG B 119 -4.26 9.10 -37.01
N ASP B 120 -3.72 8.34 -37.97
CA ASP B 120 -3.95 6.88 -38.10
C ASP B 120 -2.65 6.11 -37.78
N ASP B 121 -1.64 6.79 -37.22
CA ASP B 121 -0.33 6.18 -36.83
C ASP B 121 -0.14 6.28 -35.32
N ILE B 122 -1.20 6.66 -34.59
CA ILE B 122 -1.19 6.84 -33.11
C ILE B 122 -1.55 5.51 -32.45
N LEU B 123 -1.28 5.41 -31.15
CA LEU B 123 -1.65 4.27 -30.28
C LEU B 123 -2.36 4.81 -29.04
N ILE B 124 -3.18 3.96 -28.41
CA ILE B 124 -4.01 4.31 -27.21
C ILE B 124 -3.82 3.21 -26.17
N THR B 125 -3.38 3.57 -24.96
CA THR B 125 -3.16 2.67 -23.81
C THR B 125 -4.42 2.66 -22.93
N ASP B 126 -4.70 1.54 -22.26
CA ASP B 126 -5.84 1.42 -21.32
C ASP B 126 -5.36 1.79 -19.90
N GLY B 127 -4.11 2.23 -19.79
CA GLY B 127 -3.51 2.66 -18.51
C GLY B 127 -2.06 3.09 -18.70
N ASN B 128 -1.30 3.09 -17.60
CA ASN B 128 0.15 3.44 -17.57
C ASN B 128 0.87 2.65 -18.65
N ALA B 129 1.39 3.33 -19.67
CA ALA B 129 2.08 2.75 -20.84
C ALA B 129 3.21 1.80 -20.38
N ALA B 130 3.91 2.14 -19.30
CA ALA B 130 5.08 1.40 -18.77
C ALA B 130 4.64 0.05 -18.20
N SER B 131 3.62 0.03 -17.34
CA SER B 131 3.12 -1.18 -16.62
C SER B 131 2.85 -2.33 -17.60
N SER B 132 3.25 -3.55 -17.24
CA SER B 132 3.05 -4.81 -18.01
C SER B 132 1.56 -5.08 -18.20
N GLU B 133 0.79 -4.94 -17.12
CA GLU B 133 -0.68 -5.19 -17.07
C GLU B 133 -1.40 -4.34 -18.13
N THR B 134 -0.89 -3.15 -18.44
CA THR B 134 -1.49 -2.19 -19.43
C THR B 134 -1.39 -2.77 -20.85
N GLN B 135 -2.43 -2.50 -21.66
CA GLN B 135 -2.56 -2.96 -23.07
C GLN B 135 -2.59 -1.76 -24.01
N ILE B 136 -1.65 -1.69 -24.95
CA ILE B 136 -1.58 -0.64 -26.01
C ILE B 136 -2.26 -1.19 -27.27
N TYR B 137 -3.24 -0.45 -27.80
CA TYR B 137 -3.98 -0.78 -29.05
C TYR B 137 -3.72 0.32 -30.08
N ARG B 138 -3.70 -0.03 -31.37
CA ARG B 138 -3.70 0.98 -32.48
C ARG B 138 -5.15 1.41 -32.72
N LYS B 139 -5.33 2.56 -33.37
CA LYS B 139 -6.65 3.24 -33.55
C LYS B 139 -7.70 2.22 -34.02
N SER B 140 -7.40 1.50 -35.11
CA SER B 140 -8.33 0.58 -35.84
C SER B 140 -8.92 -0.47 -34.88
N GLU B 141 -8.11 -1.04 -34.00
CA GLU B 141 -8.46 -2.24 -33.18
C GLU B 141 -8.74 -1.86 -31.73
N ILE B 142 -9.01 -0.58 -31.44
CA ILE B 142 -9.37 -0.09 -30.07
C ILE B 142 -10.81 -0.53 -29.75
N LYS B 143 -11.05 -0.95 -28.51
CA LYS B 143 -12.39 -1.42 -28.03
C LYS B 143 -12.64 -0.87 -26.62
N ASN B 144 -13.84 -0.31 -26.41
CA ASN B 144 -14.27 0.38 -25.16
C ASN B 144 -13.44 1.66 -24.97
N ILE B 145 -13.41 2.54 -25.97
CA ILE B 145 -12.65 3.83 -25.91
C ILE B 145 -13.35 4.75 -24.91
N LYS B 146 -14.68 4.77 -24.90
CA LYS B 146 -15.49 5.61 -23.97
C LYS B 146 -15.15 5.21 -22.53
N ASN B 147 -14.71 3.96 -22.34
CA ASN B 147 -14.26 3.39 -21.04
C ASN B 147 -12.88 3.96 -20.69
N ILE B 148 -11.95 3.98 -21.64
CA ILE B 148 -10.58 4.53 -21.46
C ILE B 148 -10.68 6.02 -21.14
N ILE B 149 -11.36 6.80 -21.98
CA ILE B 149 -11.31 8.29 -21.93
C ILE B 149 -12.11 8.82 -20.74
N SER B 150 -12.87 7.97 -20.04
CA SER B 150 -13.69 8.34 -18.85
C SER B 150 -12.78 8.69 -17.67
N VAL B 151 -11.53 8.20 -17.65
CA VAL B 151 -10.52 8.47 -16.59
C VAL B 151 -10.34 9.98 -16.42
N LYS B 152 -10.80 10.80 -17.38
CA LYS B 152 -10.81 12.28 -17.29
C LYS B 152 -11.72 12.72 -16.13
N ASP B 153 -12.68 11.87 -15.72
CA ASP B 153 -13.67 12.18 -14.65
C ASP B 153 -13.24 11.56 -13.31
N MET B 154 -12.12 10.84 -13.26
CA MET B 154 -11.57 10.19 -12.03
C MET B 154 -10.89 11.25 -11.17
N GLU B 155 -11.31 11.40 -9.91
CA GLU B 155 -10.85 12.46 -8.98
C GLU B 155 -9.89 11.87 -7.92
N TYR B 156 -9.82 10.55 -7.83
CA TYR B 156 -8.87 9.79 -6.97
C TYR B 156 -8.67 8.39 -7.55
N TRP B 157 -7.70 7.65 -7.01
CA TRP B 157 -7.33 6.32 -7.53
C TRP B 157 -6.82 5.43 -6.39
N ARG B 158 -6.61 4.14 -6.68
CA ARG B 158 -6.09 3.12 -5.73
C ARG B 158 -5.56 1.92 -6.53
N GLU B 159 -4.59 1.18 -5.98
CA GLU B 159 -3.87 0.10 -6.68
C GLU B 159 -4.83 -1.09 -6.92
N GLU B 160 -5.70 -1.38 -5.94
CA GLU B 160 -6.47 -2.65 -5.81
C GLU B 160 -7.38 -2.85 -7.04
N ASP B 161 -8.16 -1.82 -7.43
CA ASP B 161 -9.14 -1.88 -8.55
C ASP B 161 -8.45 -1.46 -9.86
N GLY B 162 -7.14 -1.22 -9.83
CA GLY B 162 -6.32 -0.92 -11.02
C GLY B 162 -6.45 0.52 -11.47
N SER B 163 -7.27 1.33 -10.80
CA SER B 163 -7.55 2.74 -11.18
C SER B 163 -6.25 3.55 -11.18
N LYS B 164 -5.29 3.22 -10.31
CA LYS B 164 -3.98 3.91 -10.25
C LYS B 164 -3.20 3.65 -11.55
N ARG B 165 -3.41 2.50 -12.18
CA ARG B 165 -2.85 2.19 -13.53
C ARG B 165 -3.70 2.92 -14.58
N LYS B 166 -5.01 2.67 -14.58
CA LYS B 166 -5.97 3.11 -15.65
C LYS B 166 -5.97 4.63 -15.84
N ILE B 167 -5.80 5.40 -14.78
CA ILE B 167 -5.96 6.90 -14.81
C ILE B 167 -4.84 7.53 -15.63
N MET B 168 -3.71 6.83 -15.78
CA MET B 168 -2.58 7.28 -16.63
C MET B 168 -2.68 6.66 -18.04
N ALA B 169 -3.89 6.25 -18.44
CA ALA B 169 -4.22 5.95 -19.85
C ALA B 169 -3.80 7.17 -20.67
N ALA B 170 -3.31 6.93 -21.89
CA ALA B 170 -2.64 7.94 -22.73
C ALA B 170 -2.80 7.60 -24.22
N CYS B 171 -2.66 8.63 -25.05
CA CYS B 171 -2.55 8.57 -26.53
C CYS B 171 -1.08 8.75 -26.89
N LEU B 172 -0.45 7.71 -27.48
CA LEU B 172 0.99 7.72 -27.85
C LEU B 172 1.12 8.17 -29.31
N VAL B 173 1.71 9.35 -29.52
CA VAL B 173 1.96 9.95 -30.87
C VAL B 173 3.44 9.77 -31.17
N PRO B 174 3.82 9.15 -32.30
CA PRO B 174 5.22 8.85 -32.59
C PRO B 174 6.04 10.10 -32.95
N GLN B 175 7.31 10.11 -32.55
CA GLN B 175 8.35 11.11 -32.89
C GLN B 175 8.02 12.48 -32.26
N CYS B 176 7.08 13.25 -32.83
CA CYS B 176 6.77 14.63 -32.37
C CYS B 176 5.26 14.92 -32.51
N VAL B 177 4.81 16.02 -31.88
CA VAL B 177 3.44 16.61 -32.02
C VAL B 177 3.60 18.04 -32.53
N ASP B 178 3.06 18.34 -33.71
CA ASP B 178 3.09 19.69 -34.35
C ASP B 178 2.48 20.71 -33.39
N PRO B 179 3.19 21.83 -33.07
CA PRO B 179 2.65 22.88 -32.21
C PRO B 179 1.26 23.42 -32.55
N ARG B 180 0.79 23.25 -33.79
CA ARG B 180 -0.55 23.74 -34.23
C ARG B 180 -1.66 22.86 -33.64
N TYR B 181 -1.32 21.73 -33.01
CA TYR B 181 -2.28 20.87 -32.27
C TYR B 181 -2.48 21.38 -30.83
N ILE B 182 -1.70 22.36 -30.36
CA ILE B 182 -1.73 22.84 -28.95
C ILE B 182 -2.88 23.86 -28.77
N SER B 183 -3.81 23.55 -27.85
CA SER B 183 -5.01 24.35 -27.50
C SER B 183 -4.62 25.52 -26.60
N ALA B 184 -3.94 25.20 -25.50
CA ALA B 184 -3.69 26.10 -24.36
C ALA B 184 -2.62 25.48 -23.46
N ILE B 185 -2.17 26.23 -22.46
CA ILE B 185 -1.22 25.74 -21.42
C ILE B 185 -1.83 26.04 -20.05
N TYR B 186 -2.04 25.01 -19.24
CA TYR B 186 -2.62 25.10 -17.88
C TYR B 186 -1.46 25.26 -16.88
N VAL B 187 -1.68 26.06 -15.85
CA VAL B 187 -0.63 26.65 -14.97
C VAL B 187 -1.23 26.85 -13.58
N SER B 188 -0.41 26.81 -12.52
CA SER B 188 -0.86 26.70 -11.11
C SER B 188 -1.51 28.00 -10.59
N ASP B 189 -1.00 29.19 -10.94
CA ASP B 189 -1.52 30.46 -10.38
C ASP B 189 -1.30 31.64 -11.34
N HIS B 190 -1.91 32.79 -11.02
CA HIS B 190 -1.93 34.04 -11.84
C HIS B 190 -0.51 34.51 -12.16
N GLU B 191 0.42 34.44 -11.20
CA GLU B 191 1.81 34.99 -11.32
C GLU B 191 2.59 34.17 -12.35
N VAL B 192 2.38 32.84 -12.37
CA VAL B 192 3.04 31.90 -13.31
C VAL B 192 2.49 32.14 -14.71
N ALA B 193 1.23 32.58 -14.80
CA ALA B 193 0.50 32.83 -16.07
C ALA B 193 1.04 34.08 -16.77
N SER B 194 1.23 35.18 -16.02
CA SER B 194 1.74 36.48 -16.54
C SER B 194 3.12 36.29 -17.17
N ASN B 195 4.00 35.57 -16.47
CA ASN B 195 5.41 35.34 -16.88
C ASN B 195 5.43 34.50 -18.15
N LEU B 196 4.56 33.48 -18.21
CA LEU B 196 4.46 32.60 -19.40
C LEU B 196 3.79 33.33 -20.56
N LYS B 197 2.77 34.16 -20.29
CA LYS B 197 2.07 34.96 -21.33
C LYS B 197 3.11 35.78 -22.11
N LYS B 198 4.01 36.46 -21.38
CA LYS B 198 5.10 37.30 -21.95
C LYS B 198 6.12 36.41 -22.66
N ALA B 199 6.55 35.32 -22.01
CA ALA B 199 7.67 34.45 -22.44
C ALA B 199 7.37 33.72 -23.76
N ILE B 200 6.09 33.54 -24.11
CA ILE B 200 5.67 32.80 -25.35
C ILE B 200 5.20 33.82 -26.40
N ASN B 201 4.71 34.98 -25.97
CA ASN B 201 4.51 36.18 -26.83
C ASN B 201 3.53 35.82 -27.96
N ASN B 202 2.37 35.26 -27.60
CA ASN B 202 1.39 34.71 -28.58
C ASN B 202 0.00 34.70 -27.93
N ARG B 203 -0.75 35.80 -28.08
CA ARG B 203 -2.14 35.94 -27.54
C ARG B 203 -2.97 34.75 -27.99
N ASN B 204 -2.68 34.20 -29.17
CA ASN B 204 -3.46 33.13 -29.86
C ASN B 204 -3.43 31.80 -29.06
N ILE B 205 -2.51 31.64 -28.10
CA ILE B 205 -2.39 30.42 -27.25
C ILE B 205 -2.73 30.81 -25.82
N PRO B 206 -3.95 30.49 -25.31
CA PRO B 206 -4.34 30.85 -23.94
C PRO B 206 -3.44 30.20 -22.88
N VAL B 207 -3.03 30.99 -21.89
CA VAL B 207 -2.42 30.49 -20.62
C VAL B 207 -3.49 30.63 -19.53
N ILE B 208 -4.01 29.48 -19.08
CA ILE B 208 -5.14 29.37 -18.12
C ILE B 208 -4.55 28.98 -16.77
N PRO B 209 -4.76 29.80 -15.71
CA PRO B 209 -4.41 29.41 -14.36
C PRO B 209 -5.55 28.55 -13.79
N ASP B 210 -5.23 27.35 -13.30
CA ASP B 210 -6.23 26.43 -12.71
C ASP B 210 -5.53 25.56 -11.68
N PRO B 211 -5.57 25.96 -10.39
CA PRO B 211 -4.87 25.22 -9.33
C PRO B 211 -5.28 23.75 -9.21
N THR B 212 -6.50 23.40 -9.65
CA THR B 212 -7.12 22.07 -9.43
C THR B 212 -6.32 21.00 -10.19
N PHE B 213 -5.69 21.37 -11.32
CA PHE B 213 -4.81 20.46 -12.10
C PHE B 213 -3.61 20.00 -11.26
N PHE B 214 -3.23 20.77 -10.25
CA PHE B 214 -1.99 20.58 -9.46
C PHE B 214 -2.33 20.18 -8.01
N PHE B 215 -3.51 19.60 -7.82
CA PHE B 215 -4.04 19.11 -6.51
C PHE B 215 -4.15 20.27 -5.51
N LEU B 216 -4.35 21.50 -6.01
CA LEU B 216 -4.54 22.70 -5.15
C LEU B 216 -6.03 22.99 -5.02
N PRO B 217 -6.45 23.66 -3.93
CA PRO B 217 -7.86 23.98 -3.73
C PRO B 217 -8.40 24.92 -4.82
N ASN B 218 -9.70 24.82 -5.06
CA ASN B 218 -10.47 25.62 -6.05
C ASN B 218 -10.64 27.05 -5.52
N ARG B 219 -10.61 27.23 -4.19
CA ARG B 219 -10.81 28.54 -3.52
C ARG B 219 -10.42 28.40 -2.05
N GLU B 220 -9.71 29.39 -1.51
CA GLU B 220 -9.30 29.43 -0.09
C GLU B 220 -9.63 30.82 0.46
N ILE B 221 -10.31 30.88 1.60
CA ILE B 221 -10.67 32.14 2.31
C ILE B 221 -9.99 32.10 3.68
N LYS B 222 -8.97 32.92 3.90
CA LYS B 222 -8.25 33.03 5.21
C LYS B 222 -9.08 33.88 6.15
N LEU B 223 -9.53 33.31 7.27
CA LEU B 223 -10.33 34.00 8.33
C LEU B 223 -9.38 34.53 9.42
N THR B 224 -8.35 33.75 9.76
CA THR B 224 -7.27 34.11 10.72
C THR B 224 -5.94 33.61 10.14
N GLN B 225 -4.87 33.71 10.93
CA GLN B 225 -3.51 33.20 10.58
C GLN B 225 -3.55 31.69 10.35
N ASN B 226 -4.40 30.96 11.11
CA ASN B 226 -4.42 29.48 11.17
C ASN B 226 -5.66 28.92 10.47
N LEU B 227 -6.82 29.53 10.66
CA LEU B 227 -8.12 29.05 10.12
C LEU B 227 -8.34 29.60 8.70
N SER B 228 -8.75 28.73 7.78
CA SER B 228 -9.22 29.13 6.42
C SER B 228 -10.32 28.17 5.94
N LEU B 229 -11.25 28.69 5.14
CA LEU B 229 -12.30 27.92 4.44
C LEU B 229 -11.75 27.50 3.08
N VAL B 230 -12.07 26.29 2.63
CA VAL B 230 -11.46 25.67 1.41
C VAL B 230 -12.56 24.97 0.61
N GLU B 231 -12.79 25.42 -0.63
CA GLU B 231 -13.42 24.60 -1.69
C GLU B 231 -12.32 23.71 -2.27
N GLY B 232 -12.43 22.39 -2.10
CA GLY B 232 -11.43 21.45 -2.62
C GLY B 232 -11.62 20.04 -2.10
N ASP B 233 -10.60 19.20 -2.31
CA ASP B 233 -10.54 17.79 -1.89
C ASP B 233 -9.70 17.68 -0.62
N MET B 234 -10.32 17.29 0.48
CA MET B 234 -9.71 17.17 1.83
C MET B 234 -8.49 16.24 1.76
N PHE B 235 -8.60 15.15 0.99
CA PHE B 235 -7.63 14.02 1.01
C PHE B 235 -6.35 14.42 0.27
N PHE B 236 -6.44 15.46 -0.58
CA PHE B 236 -5.30 16.05 -1.31
C PHE B 236 -4.85 17.34 -0.60
N SER B 237 -5.53 17.77 0.47
CA SER B 237 -4.95 18.71 1.47
C SER B 237 -3.71 18.04 2.03
N ARG B 238 -2.77 18.82 2.55
CA ARG B 238 -1.54 18.25 3.15
C ARG B 238 -1.60 18.44 4.66
N MET B 239 -2.81 18.55 5.23
CA MET B 239 -3.03 18.59 6.69
C MET B 239 -2.68 17.21 7.27
N GLN B 240 -2.14 17.20 8.49
CA GLN B 240 -1.58 15.99 9.15
C GLN B 240 -2.72 15.09 9.66
N THR B 241 -3.85 15.68 10.04
CA THR B 241 -5.04 14.94 10.55
C THR B 241 -6.25 15.30 9.69
N LEU B 242 -6.84 14.31 9.04
CA LEU B 242 -8.08 14.45 8.24
C LEU B 242 -9.25 13.95 9.09
N THR B 243 -10.25 14.81 9.29
CA THR B 243 -11.48 14.49 10.06
C THR B 243 -12.49 13.86 9.11
N VAL B 244 -13.26 12.89 9.61
CA VAL B 244 -14.23 12.10 8.81
C VAL B 244 -15.53 12.03 9.60
N SER B 245 -16.60 12.62 9.08
CA SER B 245 -17.96 12.57 9.68
C SER B 245 -18.43 11.11 9.63
N VAL B 246 -18.82 10.56 10.79
CA VAL B 246 -19.31 9.15 10.92
C VAL B 246 -20.58 9.14 11.78
N ASN B 247 -21.24 7.98 11.82
CA ASN B 247 -22.43 7.69 12.65
C ASN B 247 -22.00 6.76 13.79
N THR B 248 -22.94 6.36 14.66
CA THR B 248 -22.68 5.42 15.79
C THR B 248 -23.53 4.16 15.57
N VAL B 249 -23.44 3.54 14.38
CA VAL B 249 -24.09 2.23 14.05
C VAL B 249 -23.01 1.27 13.54
N GLY B 250 -22.27 1.65 12.49
CA GLY B 250 -21.05 0.95 12.04
C GLY B 250 -20.96 0.76 10.52
N VAL B 251 -21.66 1.60 9.75
CA VAL B 251 -21.66 1.57 8.25
C VAL B 251 -21.18 2.95 7.75
N MET B 252 -20.26 2.92 6.78
CA MET B 252 -19.82 4.11 5.99
C MET B 252 -20.34 3.90 4.55
N GLY B 253 -21.66 3.79 4.42
CA GLY B 253 -22.36 3.39 3.18
C GLY B 253 -22.25 4.43 2.09
N LYS B 254 -22.65 5.68 2.36
CA LYS B 254 -22.78 6.78 1.37
C LYS B 254 -22.13 8.06 1.91
N GLY B 255 -21.67 8.94 1.00
CA GLY B 255 -21.17 10.30 1.31
C GLY B 255 -19.66 10.39 1.18
N LEU B 256 -19.03 11.19 2.05
CA LEU B 256 -17.55 11.28 2.20
C LEU B 256 -17.02 9.98 2.79
N ALA B 257 -17.71 9.43 3.79
CA ALA B 257 -17.40 8.14 4.45
C ALA B 257 -17.22 7.04 3.40
N SER B 258 -18.09 7.00 2.40
CA SER B 258 -18.03 6.05 1.26
C SER B 258 -16.66 6.10 0.60
N ARG B 259 -16.17 7.30 0.26
CA ARG B 259 -14.85 7.47 -0.38
C ARG B 259 -13.75 6.93 0.53
N VAL B 260 -13.86 7.21 1.83
CA VAL B 260 -12.87 6.78 2.88
C VAL B 260 -12.81 5.25 2.86
N LYS B 261 -13.96 4.60 2.73
CA LYS B 261 -14.09 3.11 2.75
C LYS B 261 -13.33 2.50 1.57
N TYR B 262 -13.32 3.17 0.41
CA TYR B 262 -12.70 2.61 -0.82
C TYR B 262 -11.22 2.98 -0.86
N GLN B 263 -10.89 4.25 -0.55
CA GLN B 263 -9.51 4.77 -0.63
C GLN B 263 -8.69 4.29 0.58
N PHE B 264 -9.30 4.23 1.77
CA PHE B 264 -8.62 3.95 3.07
C PHE B 264 -9.37 2.86 3.83
N PRO B 265 -9.50 1.64 3.27
CA PRO B 265 -10.33 0.60 3.86
C PRO B 265 -9.94 0.22 5.31
N ASP B 266 -8.67 0.33 5.66
CA ASP B 266 -8.19 0.10 7.06
C ASP B 266 -8.88 1.08 8.02
N VAL B 267 -9.17 2.30 7.57
CA VAL B 267 -9.86 3.35 8.40
C VAL B 267 -11.27 2.86 8.70
N TYR B 268 -11.95 2.27 7.71
CA TYR B 268 -13.30 1.68 7.85
C TYR B 268 -13.25 0.62 8.95
N VAL B 269 -12.26 -0.28 8.88
CA VAL B 269 -12.06 -1.41 9.83
C VAL B 269 -11.82 -0.86 11.24
N VAL B 270 -10.97 0.16 11.36
CA VAL B 270 -10.65 0.84 12.65
C VAL B 270 -11.93 1.48 13.18
N PHE B 271 -12.71 2.09 12.30
CA PHE B 271 -14.00 2.73 12.66
C PHE B 271 -14.92 1.69 13.30
N GLN B 272 -15.10 0.55 12.63
CA GLN B 272 -15.99 -0.55 13.10
C GLN B 272 -15.49 -1.11 14.43
N ASP B 273 -14.21 -1.48 14.50
CA ASP B 273 -13.54 -2.02 15.73
C ASP B 273 -13.74 -1.03 16.89
N ALA B 274 -13.44 0.26 16.67
CA ALA B 274 -13.53 1.33 17.68
C ALA B 274 -14.99 1.55 18.08
N CYS B 275 -15.92 1.49 17.11
CA CYS B 275 -17.38 1.67 17.33
C CYS B 275 -17.87 0.58 18.31
N LYS B 276 -17.57 -0.68 18.00
CA LYS B 276 -18.11 -1.88 18.72
C LYS B 276 -17.34 -2.11 20.01
N LYS B 277 -16.32 -1.30 20.32
CA LYS B 277 -15.58 -1.33 21.61
C LYS B 277 -15.91 -0.08 22.42
N LYS B 278 -16.93 0.68 22.01
CA LYS B 278 -17.48 1.85 22.75
C LYS B 278 -16.44 2.99 22.84
N GLU B 279 -15.28 2.87 22.17
CA GLU B 279 -14.18 3.88 22.18
C GLU B 279 -14.59 5.10 21.35
N LEU B 280 -15.61 4.92 20.50
CA LEU B 280 -16.26 5.98 19.68
C LEU B 280 -17.75 6.01 20.00
N GLU B 281 -18.16 6.89 20.91
CA GLU B 281 -19.59 7.21 21.17
C GLU B 281 -19.88 8.57 20.54
N PHE B 282 -21.16 8.83 20.23
CA PHE B 282 -21.68 10.16 19.83
C PHE B 282 -21.11 11.21 20.80
N GLY B 283 -20.37 12.19 20.28
CA GLY B 283 -19.75 13.28 21.05
C GLY B 283 -18.33 12.97 21.51
N LYS B 284 -17.81 11.78 21.20
CA LYS B 284 -16.45 11.33 21.62
C LYS B 284 -15.65 10.91 20.39
N PRO B 285 -14.96 11.86 19.71
CA PRO B 285 -14.15 11.54 18.53
C PRO B 285 -12.98 10.61 18.83
N TYR B 286 -12.71 9.67 17.92
CA TYR B 286 -11.56 8.72 17.98
C TYR B 286 -10.49 9.14 16.96
N LEU B 287 -9.25 9.34 17.41
CA LEU B 287 -8.09 9.69 16.55
C LEU B 287 -7.32 8.40 16.20
N TYR B 288 -7.29 8.06 14.92
CA TYR B 288 -6.50 6.94 14.34
C TYR B 288 -5.13 7.48 13.93
N LYS B 289 -4.08 7.13 14.68
CA LYS B 289 -2.69 7.56 14.40
C LYS B 289 -2.08 6.58 13.39
N ARG B 290 -2.61 6.60 12.17
CA ARG B 290 -2.23 5.73 11.03
C ARG B 290 -0.77 5.99 10.65
N GLU B 291 0.08 4.96 10.73
CA GLU B 291 1.55 5.04 10.46
C GLU B 291 1.81 4.92 8.94
N SER B 292 0.76 4.69 8.14
CA SER B 292 0.83 4.54 6.67
C SER B 292 1.26 5.88 6.04
N SER B 293 2.01 5.82 4.93
CA SER B 293 2.48 7.00 4.15
C SER B 293 1.54 7.24 2.97
N LEU B 294 0.90 8.42 2.93
CA LEU B 294 -0.13 8.78 1.92
C LEU B 294 0.53 9.06 0.56
N ASP B 295 1.74 9.64 0.58
CA ASP B 295 2.50 10.01 -0.65
C ASP B 295 2.87 8.75 -1.43
N ALA B 296 3.33 7.70 -0.74
CA ALA B 296 3.72 6.40 -1.34
C ALA B 296 2.51 5.79 -2.08
N PHE B 297 1.32 5.79 -1.48
CA PHE B 297 0.08 5.23 -2.08
C PHE B 297 -0.34 6.07 -3.29
N LEU B 298 -0.37 7.39 -3.16
CA LEU B 298 -0.88 8.31 -4.21
C LEU B 298 0.12 8.45 -5.37
N ALA B 299 1.40 8.68 -5.08
CA ALA B 299 2.46 8.89 -6.09
C ALA B 299 2.75 7.57 -6.81
N GLU B 300 3.23 7.65 -8.05
CA GLU B 300 3.70 6.49 -8.86
C GLU B 300 4.90 5.86 -8.14
N ASP B 301 4.91 4.53 -8.01
CA ASP B 301 5.76 3.75 -7.06
C ASP B 301 7.23 4.14 -7.21
N ASN B 309 8.64 12.13 4.08
CA ASN B 309 8.26 11.30 5.26
C ASN B 309 7.14 12.01 6.04
N HIS B 310 6.07 12.44 5.34
CA HIS B 310 4.88 13.12 5.93
C HIS B 310 3.90 12.06 6.45
N GLN B 311 3.38 12.23 7.68
CA GLN B 311 2.38 11.31 8.30
C GLN B 311 0.98 11.90 8.10
N THR B 312 -0.03 11.02 7.98
CA THR B 312 -1.45 11.39 7.80
C THR B 312 -2.31 10.51 8.73
N TRP B 313 -2.86 11.13 9.76
CA TRP B 313 -3.81 10.52 10.74
C TRP B 313 -5.24 10.78 10.29
N PHE B 314 -6.19 9.99 10.80
CA PHE B 314 -7.65 10.15 10.55
C PHE B 314 -8.36 10.34 11.89
N LEU B 315 -9.10 11.44 12.03
CA LEU B 315 -9.97 11.73 13.19
C LEU B 315 -11.41 11.30 12.83
N LEU B 316 -11.94 10.31 13.54
CA LEU B 316 -13.35 9.86 13.38
C LEU B 316 -14.24 10.72 14.29
N PHE B 317 -15.10 11.54 13.69
CA PHE B 317 -15.94 12.56 14.35
C PHE B 317 -17.41 12.20 14.21
N PRO B 318 -18.05 11.60 15.25
CA PRO B 318 -19.46 11.24 15.16
C PRO B 318 -20.38 12.47 15.16
N THR B 319 -21.16 12.65 14.08
CA THR B 319 -22.09 13.78 13.86
C THR B 319 -23.55 13.33 13.99
N LYS B 320 -23.81 12.04 14.29
CA LYS B 320 -25.18 11.47 14.42
C LYS B 320 -25.11 10.07 15.05
N ARG B 321 -26.28 9.48 15.32
CA ARG B 321 -26.43 8.14 15.95
C ARG B 321 -26.57 7.06 14.86
N HIS B 322 -27.73 7.01 14.19
CA HIS B 322 -28.01 6.11 13.03
C HIS B 322 -27.71 6.85 11.72
N TRP B 323 -27.53 6.12 10.62
CA TRP B 323 -27.19 6.68 9.28
C TRP B 323 -28.44 7.30 8.62
N LYS B 324 -29.64 6.97 9.11
CA LYS B 324 -30.94 7.48 8.61
C LYS B 324 -31.20 8.88 9.17
N ASN B 325 -31.48 9.01 10.46
CA ASN B 325 -31.98 10.25 11.11
C ASN B 325 -30.90 11.34 11.08
N MET B 326 -31.29 12.57 11.43
CA MET B 326 -30.56 13.86 11.26
C MET B 326 -29.27 13.88 12.11
N SER B 327 -28.40 14.87 11.86
CA SER B 327 -27.24 15.25 12.72
C SER B 327 -27.73 16.13 13.88
N GLU B 328 -27.12 16.00 15.07
CA GLU B 328 -27.47 16.79 16.28
C GLU B 328 -26.32 17.74 16.64
N ILE B 329 -26.65 18.94 17.11
CA ILE B 329 -25.70 20.08 17.30
C ILE B 329 -24.91 19.86 18.59
N LYS B 330 -25.50 19.18 19.58
CA LYS B 330 -24.84 18.87 20.88
C LYS B 330 -23.70 17.87 20.64
N GLY B 331 -23.87 16.95 19.69
CA GLY B 331 -22.84 15.97 19.29
C GLY B 331 -21.65 16.62 18.61
N ILE B 332 -21.92 17.69 17.86
CA ILE B 332 -20.88 18.48 17.13
C ILE B 332 -20.13 19.36 18.13
N GLU B 333 -20.87 20.19 18.88
CA GLU B 333 -20.32 21.09 19.93
C GLU B 333 -19.36 20.28 20.81
N SER B 334 -19.82 19.10 21.26
CA SER B 334 -19.03 18.14 22.08
C SER B 334 -17.71 17.80 21.37
N GLY B 335 -17.79 17.29 20.15
CA GLY B 335 -16.63 16.86 19.35
C GLY B 335 -15.64 18.00 19.13
N LEU B 336 -16.13 19.20 18.87
CA LEU B 336 -15.29 20.40 18.62
C LEU B 336 -14.53 20.75 19.92
N ARG B 337 -15.22 20.73 21.06
CA ARG B 337 -14.60 20.93 22.40
C ARG B 337 -13.49 19.90 22.57
N TRP B 338 -13.78 18.62 22.27
CA TRP B 338 -12.81 17.51 22.35
C TRP B 338 -11.54 17.90 21.59
N ILE B 339 -11.67 18.36 20.34
CA ILE B 339 -10.54 18.76 19.46
C ILE B 339 -9.73 19.85 20.17
N VAL B 340 -10.38 20.92 20.62
CA VAL B 340 -9.75 22.07 21.32
C VAL B 340 -8.94 21.56 22.52
N GLU B 341 -9.51 20.63 23.29
CA GLU B 341 -8.91 20.14 24.56
C GLU B 341 -7.74 19.18 24.28
N ASN B 342 -7.75 18.46 23.15
CA ASN B 342 -6.91 17.24 22.97
C ASN B 342 -5.89 17.38 21.83
N TYR B 343 -5.93 18.44 21.02
CA TYR B 343 -5.03 18.58 19.85
C TYR B 343 -3.59 18.71 20.34
N LYS B 344 -3.39 19.38 21.48
CA LYS B 344 -2.08 19.50 22.18
C LYS B 344 -1.61 18.11 22.64
N LYS B 345 -2.33 17.51 23.60
CA LYS B 345 -2.06 16.15 24.16
C LYS B 345 -1.62 15.19 23.05
N GLU B 346 -2.46 15.04 22.01
CA GLU B 346 -2.43 13.90 21.05
C GLU B 346 -1.44 14.16 19.91
N GLY B 347 -0.93 15.39 19.79
CA GLY B 347 0.16 15.73 18.85
C GLY B 347 -0.32 15.97 17.44
N ILE B 348 -1.56 16.48 17.29
CA ILE B 348 -2.14 16.91 15.98
C ILE B 348 -1.42 18.20 15.54
N LYS B 349 -0.62 18.12 14.46
CA LYS B 349 0.21 19.23 13.94
C LYS B 349 -0.64 20.19 13.09
N SER B 350 -1.57 19.66 12.31
CA SER B 350 -2.48 20.44 11.43
C SER B 350 -3.74 19.62 11.14
N LEU B 351 -4.85 20.29 10.82
CA LEU B 351 -6.21 19.69 10.84
C LEU B 351 -7.01 20.11 9.60
N ALA B 352 -7.62 19.14 8.94
CA ALA B 352 -8.69 19.34 7.93
C ALA B 352 -9.98 18.74 8.49
N VAL B 353 -10.99 19.57 8.76
CA VAL B 353 -12.36 19.11 9.12
C VAL B 353 -13.28 19.46 7.95
N PRO B 354 -14.16 18.54 7.52
CA PRO B 354 -15.21 18.87 6.57
C PRO B 354 -16.35 19.59 7.31
N ALA B 355 -17.17 20.35 6.58
CA ALA B 355 -18.43 20.92 7.08
C ALA B 355 -19.25 19.78 7.72
N LEU B 356 -19.41 19.80 9.04
CA LEU B 356 -19.99 18.69 9.82
C LEU B 356 -21.51 18.69 9.69
N GLY B 357 -22.09 17.53 9.35
CA GLY B 357 -23.55 17.34 9.20
C GLY B 357 -24.16 18.14 8.06
N CYS B 358 -23.35 18.71 7.15
CA CYS B 358 -23.80 19.72 6.15
C CYS B 358 -24.27 19.03 4.85
N GLY B 359 -24.14 17.70 4.74
CA GLY B 359 -24.55 16.94 3.54
C GLY B 359 -25.74 16.04 3.84
N LEU B 360 -25.49 14.77 4.18
CA LEU B 360 -26.50 13.72 4.49
C LEU B 360 -27.17 14.03 5.83
N GLY B 361 -26.41 14.57 6.80
CA GLY B 361 -26.89 14.95 8.15
C GLY B 361 -28.08 15.89 8.09
N GLY B 362 -28.13 16.78 7.09
CA GLY B 362 -29.27 17.67 6.80
C GLY B 362 -29.31 18.90 7.70
N LEU B 363 -28.15 19.32 8.23
CA LEU B 363 -27.97 20.61 8.95
C LEU B 363 -27.46 21.66 7.95
N GLU B 364 -27.60 22.94 8.30
CA GLU B 364 -27.25 24.09 7.45
C GLU B 364 -25.93 24.69 7.93
N TRP B 365 -25.16 25.25 7.00
CA TRP B 365 -23.86 25.91 7.26
C TRP B 365 -24.09 27.17 8.10
N SER B 366 -25.28 27.79 7.96
CA SER B 366 -25.69 28.99 8.72
C SER B 366 -25.62 28.73 10.24
N ILE B 367 -25.75 27.46 10.66
CA ILE B 367 -25.67 27.04 12.08
C ILE B 367 -24.28 26.43 12.34
N VAL B 368 -23.86 25.49 11.52
CA VAL B 368 -22.62 24.68 11.76
C VAL B 368 -21.39 25.58 11.54
N GLY B 369 -21.38 26.40 10.49
CA GLY B 369 -20.24 27.26 10.15
C GLY B 369 -19.73 28.03 11.36
N PRO B 370 -20.54 28.94 11.93
CA PRO B 370 -20.14 29.70 13.12
C PRO B 370 -19.65 28.77 14.23
N LEU B 371 -20.44 27.74 14.56
CA LEU B 371 -20.13 26.78 15.65
C LEU B 371 -18.71 26.24 15.47
N MET B 372 -18.40 25.72 14.27
CA MET B 372 -17.08 25.13 13.95
C MET B 372 -15.98 26.18 14.11
N CYS B 373 -16.19 27.37 13.55
CA CYS B 373 -15.20 28.48 13.56
C CYS B 373 -14.93 28.91 15.01
N ARG B 374 -16.01 29.17 15.77
CA ARG B 374 -15.97 29.53 17.22
C ARG B 374 -14.91 28.69 17.94
N TYR B 375 -14.91 27.37 17.72
CA TYR B 375 -14.05 26.40 18.44
C TYR B 375 -12.68 26.29 17.78
N LEU B 376 -12.64 26.11 16.46
CA LEU B 376 -11.39 25.75 15.71
C LEU B 376 -10.51 26.99 15.53
N THR B 377 -11.02 28.19 15.78
CA THR B 377 -10.22 29.44 15.76
C THR B 377 -9.27 29.42 16.95
N LYS B 378 -9.66 28.76 18.05
CA LYS B 378 -8.83 28.61 19.26
C LYS B 378 -7.54 27.84 18.94
N LEU B 379 -7.60 26.86 18.01
CA LEU B 379 -6.44 25.98 17.66
C LEU B 379 -5.24 26.83 17.24
N GLU B 380 -4.07 26.54 17.81
CA GLU B 380 -2.78 27.22 17.51
C GLU B 380 -2.00 26.43 16.44
N ILE B 381 -2.72 25.78 15.52
CA ILE B 381 -2.16 24.97 14.39
C ILE B 381 -2.93 25.32 13.13
N PRO B 382 -2.37 25.05 11.92
CA PRO B 382 -3.13 25.22 10.68
C PRO B 382 -4.42 24.40 10.70
N VAL B 383 -5.54 25.02 10.31
CA VAL B 383 -6.88 24.38 10.27
C VAL B 383 -7.57 24.78 8.96
N GLN B 384 -8.06 23.78 8.22
CA GLN B 384 -8.85 23.99 6.98
C GLN B 384 -10.24 23.41 7.18
N ILE B 385 -11.26 24.27 7.27
CA ILE B 385 -12.69 23.86 7.21
C ILE B 385 -13.04 23.74 5.73
N TYR B 386 -13.42 22.52 5.30
CA TYR B 386 -13.70 22.18 3.88
C TYR B 386 -15.19 22.37 3.61
N LEU B 387 -15.54 23.43 2.87
CA LEU B 387 -16.94 23.82 2.55
C LEU B 387 -17.61 22.69 1.78
N PRO B 388 -18.94 22.51 1.97
CA PRO B 388 -19.70 21.48 1.27
C PRO B 388 -19.80 21.84 -0.22
N LEU B 389 -19.59 20.87 -1.11
CA LEU B 389 -19.38 21.13 -2.57
C LEU B 389 -20.69 20.93 -3.35
N GLU B 390 -21.72 20.38 -2.69
CA GLU B 390 -23.00 19.98 -3.32
C GLU B 390 -24.10 20.93 -2.85
N LYS B 391 -23.76 22.20 -2.63
CA LYS B 391 -24.59 23.16 -1.84
C LYS B 391 -23.97 24.56 -1.90
N ARG B 392 -24.75 25.58 -2.30
CA ARG B 392 -24.29 26.97 -2.49
C ARG B 392 -24.40 27.76 -1.17
N ILE B 393 -23.28 28.32 -0.68
CA ILE B 393 -23.24 29.19 0.53
C ILE B 393 -23.27 30.64 0.06
N PRO B 394 -24.24 31.47 0.52
CA PRO B 394 -24.18 32.91 0.29
C PRO B 394 -22.83 33.48 0.71
N ASP B 395 -22.27 34.41 -0.06
CA ASP B 395 -20.86 34.88 0.11
C ASP B 395 -20.71 35.52 1.51
N VAL B 396 -21.77 36.19 1.99
CA VAL B 396 -21.80 36.88 3.31
C VAL B 396 -21.65 35.88 4.46
N GLN B 397 -21.99 34.61 4.25
CA GLN B 397 -21.86 33.54 5.29
C GLN B 397 -20.44 32.96 5.29
N LEU B 398 -19.54 33.46 4.43
CA LEU B 398 -18.11 33.06 4.41
C LEU B 398 -17.23 34.22 4.92
N SER B 399 -17.84 35.32 5.36
CA SER B 399 -17.14 36.49 5.94
C SER B 399 -16.85 36.22 7.41
N PRO B 400 -15.76 36.79 7.98
CA PRO B 400 -15.42 36.58 9.39
C PRO B 400 -16.42 37.28 10.32
N LYS B 401 -17.02 38.37 9.85
CA LYS B 401 -18.13 39.09 10.54
C LYS B 401 -19.19 38.08 10.98
N PHE B 402 -19.59 37.18 10.09
CA PHE B 402 -20.63 36.16 10.33
C PHE B 402 -20.09 35.01 11.17
N LEU B 403 -18.96 34.43 10.75
CA LEU B 403 -18.46 33.13 11.29
C LEU B 403 -17.73 33.31 12.62
N LEU B 404 -17.11 34.46 12.87
CA LEU B 404 -16.32 34.73 14.11
C LEU B 404 -17.01 35.81 14.96
N ASP B 405 -18.33 35.72 15.11
CA ASP B 405 -19.14 36.62 15.98
C ASP B 405 -20.54 36.01 16.16
#